data_6SH7
#
_entry.id   6SH7
#
_cell.length_a   82.243
_cell.length_b   90.024
_cell.length_c   213.885
_cell.angle_alpha   90.000
_cell.angle_beta   90.000
_cell.angle_gamma   90.000
#
_symmetry.space_group_name_H-M   'C 2 2 21'
#
loop_
_entity.id
_entity.type
_entity.pdbx_description
1 polymer 'Pre-mRNA-splicing factor ATP-dependent RNA helicase DHX15'
2 polymer 'NF-kappa-B-repressing factor'
3 water water
#
loop_
_entity_poly.entity_id
_entity_poly.type
_entity_poly.pdbx_seq_one_letter_code
_entity_poly.pdbx_strand_id
1 'polypeptide(L)'
;GPHMLEQCINPFTNLPHTPRYYDILKKRLQLPVWEYKDRFTDILVRHQSFVLVGETGSGKTTQIPQWCVEYMRSLPGPKR
GVACTQPRRVAAMSVAQRVADEMDVMLGQEVGYSIRFEDCSSAKTILKYMTDGMLLREAMNDPLLERYGVIILDEAHERT
LATDILMGVLKEVVRQRSDLKVIVMSATLDAGKFQIYFDNCPLLTIPGRTHPVEIFYTPEPERDYLEAAIRTVIQIHMCE
EEEGDLLLFLTGQEEIDEACKRIKREVDDLGPEVGDIKIIPLYSTLPPQQQQRIFEPPPPKKQNGAIGRKVVVSTNIAET
SLTIDGVVFVIDPGFAKQKVYNPRIRVESLLVTAISKASAQQRAGRAGRTRPGKCFRLYTEKAYKTEMQDNTYPEILRSN
LGSVVLQLKKLGIDDLVHFDFMDPPAPETLMRALELLNYLAALNDDGDLTELGSMMAEFPLDPQLAKMVIASCDYNCSNE
VLSITAMLSVPQCFVRPTEAKKAADEAKMRFAHIDGDHLTLLNVYHAFKQNHESVQWCYDNFINYRSLMSADNVRQQLSR
IMDRFNLPRRSTDFTSRDYYINIRKALVTGYFMQVAHLERTGHYLTVKDNQVVQLHPSTVLDHKPEWVLYNEFVLTTKNY
IRTCTDIKPEWLVKIAPQYYDMSNFPQCEAKRQLDRIIAKLQSKEYSQY
;
A
2 'polypeptide(L)' GPHMAEEAYKQQIKEDNIGNQLLRKMGWTGGGLGKSGEGIREPISVKEQHKREGLGLDVERVNKIAK B
#
# COMPACT_ATOMS: atom_id res chain seq x y z
N HIS A 3 -3.30 -40.27 -7.99
CA HIS A 3 -4.75 -40.32 -8.07
C HIS A 3 -5.35 -40.70 -6.71
N MET A 4 -6.32 -39.91 -6.26
CA MET A 4 -6.98 -40.13 -4.98
C MET A 4 -8.48 -40.33 -5.21
N LEU A 5 -9.08 -41.15 -4.34
CA LEU A 5 -10.51 -41.44 -4.45
C LEU A 5 -11.33 -40.18 -4.22
N GLU A 6 -12.09 -39.78 -5.23
CA GLU A 6 -12.93 -38.58 -5.17
C GLU A 6 -14.38 -38.99 -5.39
N GLN A 7 -15.07 -39.33 -4.31
CA GLN A 7 -16.50 -39.49 -4.36
C GLN A 7 -17.16 -38.11 -4.48
N CYS A 8 -18.30 -38.08 -5.19
CA CYS A 8 -18.95 -36.81 -5.50
C CYS A 8 -19.55 -36.16 -4.25
N ILE A 9 -18.71 -35.86 -3.26
CA ILE A 9 -19.12 -35.20 -2.03
C ILE A 9 -18.10 -34.11 -1.71
N ASN A 10 -18.48 -33.24 -0.77
CA ASN A 10 -17.59 -32.18 -0.29
C ASN A 10 -16.55 -32.80 0.63
N PRO A 11 -15.27 -32.79 0.25
CA PRO A 11 -14.24 -33.44 1.08
C PRO A 11 -14.04 -32.79 2.44
N PHE A 12 -14.60 -31.61 2.69
CA PHE A 12 -14.46 -30.95 3.98
C PHE A 12 -15.65 -31.16 4.90
N THR A 13 -16.81 -31.54 4.37
CA THR A 13 -17.98 -31.85 5.18
C THR A 13 -18.45 -33.29 5.05
N ASN A 14 -17.88 -34.06 4.12
CA ASN A 14 -18.33 -35.42 3.82
C ASN A 14 -19.83 -35.47 3.49
N LEU A 15 -20.34 -34.36 2.96
CA LEU A 15 -21.71 -34.21 2.53
C LEU A 15 -21.74 -33.83 1.06
N PRO A 16 -22.85 -34.09 0.35
CA PRO A 16 -22.91 -33.70 -1.06
C PRO A 16 -22.83 -32.19 -1.23
N HIS A 17 -22.30 -31.78 -2.37
CA HIS A 17 -22.18 -30.36 -2.67
C HIS A 17 -23.56 -29.74 -2.87
N THR A 18 -23.60 -28.42 -2.76
CA THR A 18 -24.84 -27.68 -2.95
C THR A 18 -25.10 -27.46 -4.44
N PRO A 19 -26.36 -27.18 -4.81
CA PRO A 19 -26.64 -26.91 -6.24
C PRO A 19 -25.87 -25.72 -6.78
N ARG A 20 -25.53 -24.74 -5.95
CA ARG A 20 -24.75 -23.60 -6.42
C ARG A 20 -23.34 -24.00 -6.80
N TYR A 21 -22.76 -24.98 -6.09
CA TYR A 21 -21.41 -25.43 -6.39
C TYR A 21 -21.31 -25.94 -7.83
N TYR A 22 -22.28 -26.73 -8.27
CA TYR A 22 -22.25 -27.28 -9.62
C TYR A 22 -22.61 -26.26 -10.68
N ASP A 23 -23.36 -25.22 -10.32
CA ASP A 23 -23.61 -24.13 -11.26
C ASP A 23 -22.34 -23.29 -11.47
N ILE A 24 -21.60 -23.04 -10.39
CA ILE A 24 -20.33 -22.32 -10.51
C ILE A 24 -19.29 -23.20 -11.19
N LEU A 25 -19.33 -24.51 -10.94
CA LEU A 25 -18.35 -25.41 -11.54
C LEU A 25 -18.49 -25.44 -13.05
N LYS A 26 -19.72 -25.37 -13.56
CA LYS A 26 -19.92 -25.35 -15.00
C LYS A 26 -19.27 -24.12 -15.64
N LYS A 27 -19.32 -22.98 -14.95
CA LYS A 27 -18.81 -21.74 -15.52
C LYS A 27 -17.29 -21.73 -15.53
N ARG A 28 -16.65 -22.08 -14.41
CA ARG A 28 -15.20 -21.98 -14.32
C ARG A 28 -14.49 -23.05 -15.13
N LEU A 29 -15.17 -24.14 -15.49
CA LEU A 29 -14.56 -25.12 -16.38
C LEU A 29 -14.31 -24.54 -17.78
N GLN A 30 -14.98 -23.44 -18.12
CA GLN A 30 -14.76 -22.77 -19.40
C GLN A 30 -13.64 -21.74 -19.35
N LEU A 31 -13.06 -21.50 -18.19
CA LEU A 31 -11.93 -20.59 -18.10
C LEU A 31 -10.73 -21.16 -18.85
N PRO A 32 -9.94 -20.33 -19.52
CA PRO A 32 -8.83 -20.85 -20.35
C PRO A 32 -7.79 -21.64 -19.56
N VAL A 33 -7.74 -21.50 -18.24
CA VAL A 33 -6.72 -22.23 -17.48
C VAL A 33 -7.02 -23.72 -17.42
N TRP A 34 -8.30 -24.10 -17.51
CA TRP A 34 -8.65 -25.50 -17.34
C TRP A 34 -8.19 -26.37 -18.49
N GLU A 35 -7.91 -25.79 -19.65
CA GLU A 35 -7.31 -26.56 -20.74
C GLU A 35 -5.89 -27.00 -20.41
N TYR A 36 -5.25 -26.37 -19.42
CA TYR A 36 -3.84 -26.59 -19.12
C TYR A 36 -3.63 -27.25 -17.76
N LYS A 37 -4.66 -27.89 -17.20
CA LYS A 37 -4.55 -28.45 -15.86
C LYS A 37 -3.52 -29.58 -15.83
N ASP A 38 -3.57 -30.48 -16.82
CA ASP A 38 -2.60 -31.56 -16.86
C ASP A 38 -1.18 -31.03 -17.05
N ARG A 39 -1.02 -30.02 -17.92
CA ARG A 39 0.30 -29.43 -18.12
C ARG A 39 0.77 -28.64 -16.91
N PHE A 40 -0.17 -28.01 -16.17
CA PHE A 40 0.19 -27.38 -14.91
C PHE A 40 0.60 -28.44 -13.88
N THR A 41 -0.14 -29.55 -13.83
CA THR A 41 0.16 -30.60 -12.85
C THR A 41 1.50 -31.25 -13.14
N ASP A 42 1.82 -31.48 -14.42
CA ASP A 42 3.08 -32.14 -14.77
C ASP A 42 4.27 -31.30 -14.34
N ILE A 43 4.15 -29.97 -14.43
CA ILE A 43 5.25 -29.11 -13.99
C ILE A 43 5.32 -29.05 -12.47
N LEU A 44 4.16 -28.95 -11.81
CA LEU A 44 4.12 -28.77 -10.36
C LEU A 44 4.72 -29.96 -9.61
N VAL A 45 4.53 -31.18 -10.12
CA VAL A 45 5.01 -32.37 -9.43
C VAL A 45 6.45 -32.72 -9.79
N ARG A 46 7.10 -31.95 -10.66
CA ARG A 46 8.47 -32.24 -11.08
C ARG A 46 9.45 -31.11 -10.80
N HIS A 47 8.98 -29.91 -10.49
CA HIS A 47 9.86 -28.76 -10.27
C HIS A 47 9.48 -28.03 -8.99
N GLN A 48 10.47 -27.42 -8.36
CA GLN A 48 10.22 -26.68 -7.12
C GLN A 48 9.59 -25.32 -7.39
N SER A 49 10.10 -24.60 -8.39
CA SER A 49 9.58 -23.28 -8.75
C SER A 49 9.32 -23.22 -10.25
N PHE A 50 8.31 -22.43 -10.62
CA PHE A 50 8.09 -22.12 -12.03
C PHE A 50 7.22 -20.87 -12.12
N VAL A 51 7.13 -20.33 -13.34
CA VAL A 51 6.40 -19.10 -13.63
C VAL A 51 5.18 -19.43 -14.47
N LEU A 52 4.04 -18.84 -14.10
CA LEU A 52 2.79 -19.05 -14.82
C LEU A 52 2.28 -17.69 -15.30
N VAL A 53 2.27 -17.50 -16.62
CA VAL A 53 1.81 -16.25 -17.22
C VAL A 53 0.42 -16.46 -17.80
N GLY A 54 -0.50 -15.58 -17.46
CA GLY A 54 -1.85 -15.62 -17.99
C GLY A 54 -2.55 -14.28 -17.86
N GLU A 55 -3.25 -13.87 -18.91
CA GLU A 55 -3.86 -12.56 -18.94
C GLU A 55 -5.01 -12.48 -17.95
N THR A 56 -5.46 -11.25 -17.68
CA THR A 56 -6.56 -11.03 -16.76
C THR A 56 -7.84 -11.63 -17.33
N GLY A 57 -8.49 -12.47 -16.53
CA GLY A 57 -9.65 -13.22 -16.98
C GLY A 57 -9.37 -14.63 -17.43
N SER A 58 -8.10 -15.05 -17.45
CA SER A 58 -7.77 -16.42 -17.80
C SER A 58 -8.14 -17.41 -16.70
N GLY A 59 -8.21 -16.95 -15.46
CA GLY A 59 -8.60 -17.79 -14.34
C GLY A 59 -7.47 -18.28 -13.47
N LYS A 60 -6.28 -17.68 -13.56
CA LYS A 60 -5.17 -18.12 -12.72
C LYS A 60 -5.49 -17.92 -11.24
N THR A 61 -6.00 -16.74 -10.90
CA THR A 61 -6.11 -16.34 -9.49
C THR A 61 -7.10 -17.22 -8.74
N THR A 62 -8.19 -17.63 -9.40
CA THR A 62 -9.22 -18.42 -8.73
C THR A 62 -8.95 -19.91 -8.83
N GLN A 63 -8.50 -20.41 -9.98
CA GLN A 63 -8.41 -21.85 -10.19
C GLN A 63 -7.06 -22.45 -9.77
N ILE A 64 -5.95 -21.76 -10.04
CA ILE A 64 -4.64 -22.33 -9.74
C ILE A 64 -4.47 -22.63 -8.25
N PRO A 65 -4.79 -21.72 -7.32
CA PRO A 65 -4.67 -22.08 -5.90
C PRO A 65 -5.57 -23.24 -5.50
N GLN A 66 -6.73 -23.40 -6.14
CA GLN A 66 -7.59 -24.54 -5.84
C GLN A 66 -6.94 -25.85 -6.26
N TRP A 67 -6.22 -25.83 -7.39
CA TRP A 67 -5.49 -27.02 -7.82
C TRP A 67 -4.35 -27.35 -6.86
N CYS A 68 -3.74 -26.32 -6.24
CA CYS A 68 -2.65 -26.57 -5.30
C CYS A 68 -3.18 -27.11 -3.98
N VAL A 69 -4.42 -26.79 -3.61
CA VAL A 69 -5.05 -27.45 -2.48
C VAL A 69 -5.27 -28.93 -2.81
N GLU A 70 -5.69 -29.22 -4.04
CA GLU A 70 -5.83 -30.60 -4.49
C GLU A 70 -4.49 -31.33 -4.39
N TYR A 71 -3.40 -30.67 -4.77
CA TYR A 71 -2.08 -31.29 -4.67
C TYR A 71 -1.68 -31.53 -3.23
N MET A 72 -1.95 -30.56 -2.35
CA MET A 72 -1.57 -30.71 -0.94
C MET A 72 -2.32 -31.86 -0.28
N ARG A 73 -3.62 -31.98 -0.57
CA ARG A 73 -4.43 -33.03 0.05
C ARG A 73 -3.97 -34.42 -0.35
N SER A 74 -3.28 -34.57 -1.48
CA SER A 74 -2.78 -35.87 -1.91
C SER A 74 -1.45 -36.24 -1.26
N LEU A 75 -0.75 -35.27 -0.67
CA LEU A 75 0.53 -35.56 -0.05
C LEU A 75 0.33 -36.19 1.33
N PRO A 76 1.20 -37.12 1.71
CA PRO A 76 1.13 -37.68 3.07
C PRO A 76 1.84 -36.78 4.08
N GLY A 77 1.35 -36.83 5.32
CA GLY A 77 1.91 -36.06 6.39
C GLY A 77 0.97 -35.02 6.94
N PRO A 78 1.50 -34.05 7.68
CA PRO A 78 0.65 -33.00 8.25
C PRO A 78 0.16 -32.07 7.16
N LYS A 79 -1.16 -31.85 7.12
CA LYS A 79 -1.75 -31.01 6.09
C LYS A 79 -1.27 -29.57 6.19
N ARG A 80 -0.42 -29.16 5.25
CA ARG A 80 -0.02 -27.78 5.14
C ARG A 80 -1.01 -27.01 4.26
N GLY A 81 -0.92 -25.68 4.33
CA GLY A 81 -1.83 -24.82 3.60
C GLY A 81 -1.23 -24.30 2.29
N VAL A 82 -2.07 -23.57 1.57
CA VAL A 82 -1.68 -22.90 0.34
C VAL A 82 -1.83 -21.40 0.57
N ALA A 83 -0.82 -20.64 0.15
CA ALA A 83 -0.83 -19.18 0.27
C ALA A 83 -0.74 -18.57 -1.12
N CYS A 84 -1.63 -17.62 -1.41
CA CYS A 84 -1.61 -16.87 -2.65
C CYS A 84 -1.63 -15.39 -2.31
N THR A 85 -0.58 -14.68 -2.69
CA THR A 85 -0.44 -13.27 -2.31
C THR A 85 -1.03 -12.37 -3.37
N GLN A 86 -1.60 -11.25 -2.90
CA GLN A 86 -2.19 -10.21 -3.72
C GLN A 86 -1.63 -8.86 -3.29
N PRO A 87 -1.27 -7.99 -4.24
CA PRO A 87 -0.73 -6.67 -3.85
C PRO A 87 -1.75 -5.79 -3.16
N ARG A 88 -3.03 -5.96 -3.46
CA ARG A 88 -4.08 -5.06 -2.98
C ARG A 88 -5.00 -5.81 -2.03
N ARG A 89 -5.31 -5.18 -0.88
CA ARG A 89 -6.14 -5.83 0.13
C ARG A 89 -7.57 -6.05 -0.37
N VAL A 90 -8.04 -5.23 -1.31
CA VAL A 90 -9.38 -5.44 -1.86
C VAL A 90 -9.41 -6.67 -2.75
N ALA A 91 -8.32 -6.91 -3.50
CA ALA A 91 -8.25 -8.10 -4.34
C ALA A 91 -8.25 -9.37 -3.49
N ALA A 92 -7.47 -9.37 -2.40
CA ALA A 92 -7.39 -10.55 -1.55
C ALA A 92 -8.74 -10.89 -0.94
N MET A 93 -9.49 -9.88 -0.51
CA MET A 93 -10.77 -10.13 0.13
C MET A 93 -11.81 -10.64 -0.87
N SER A 94 -11.87 -10.03 -2.05
CA SER A 94 -12.92 -10.37 -3.00
C SER A 94 -12.67 -11.74 -3.63
N VAL A 95 -11.43 -12.05 -4.00
CA VAL A 95 -11.15 -13.34 -4.61
C VAL A 95 -11.24 -14.47 -3.59
N ALA A 96 -11.08 -14.17 -2.31
CA ALA A 96 -11.23 -15.21 -1.29
C ALA A 96 -12.69 -15.57 -1.07
N GLN A 97 -13.58 -14.56 -1.12
CA GLN A 97 -15.00 -14.84 -1.02
C GLN A 97 -15.51 -15.58 -2.24
N ARG A 98 -14.97 -15.27 -3.42
CA ARG A 98 -15.35 -15.96 -4.64
C ARG A 98 -14.92 -17.43 -4.61
N VAL A 99 -13.66 -17.67 -4.23
CA VAL A 99 -13.15 -19.04 -4.18
C VAL A 99 -13.84 -19.83 -3.08
N ALA A 100 -14.19 -19.16 -1.97
CA ALA A 100 -14.96 -19.84 -0.92
C ALA A 100 -16.28 -20.36 -1.45
N ASP A 101 -16.92 -19.59 -2.34
CA ASP A 101 -18.16 -20.06 -2.97
C ASP A 101 -17.88 -21.21 -3.92
N GLU A 102 -16.76 -21.16 -4.64
CA GLU A 102 -16.46 -22.20 -5.62
C GLU A 102 -16.12 -23.53 -4.94
N MET A 103 -15.58 -23.48 -3.73
CA MET A 103 -15.26 -24.69 -2.97
C MET A 103 -16.37 -25.06 -1.99
N ASP A 104 -17.46 -24.29 -1.95
CA ASP A 104 -18.64 -24.60 -1.13
C ASP A 104 -18.29 -24.63 0.36
N VAL A 105 -17.42 -23.71 0.79
CA VAL A 105 -17.05 -23.59 2.19
C VAL A 105 -17.28 -22.15 2.64
N MET A 106 -17.34 -21.98 3.96
CA MET A 106 -17.53 -20.66 4.54
C MET A 106 -16.22 -19.86 4.48
N LEU A 107 -16.33 -18.59 4.11
CA LEU A 107 -15.18 -17.71 4.15
C LEU A 107 -14.68 -17.57 5.58
N GLY A 108 -13.38 -17.74 5.77
CA GLY A 108 -12.79 -17.82 7.09
C GLY A 108 -12.55 -19.23 7.58
N GLN A 109 -13.18 -20.22 6.95
CA GLN A 109 -12.94 -21.62 7.27
C GLN A 109 -11.86 -22.19 6.36
N GLU A 110 -12.22 -23.14 5.49
CA GLU A 110 -11.24 -23.75 4.60
C GLU A 110 -10.58 -22.73 3.69
N VAL A 111 -11.31 -21.69 3.29
CA VAL A 111 -10.77 -20.58 2.51
C VAL A 111 -10.87 -19.32 3.35
N GLY A 112 -9.77 -18.59 3.46
CA GLY A 112 -9.74 -17.36 4.23
C GLY A 112 -8.85 -16.33 3.58
N TYR A 113 -8.78 -15.17 4.23
CA TYR A 113 -7.89 -14.11 3.77
C TYR A 113 -7.19 -13.48 4.97
N SER A 114 -6.01 -12.91 4.70
CA SER A 114 -5.21 -12.26 5.74
C SER A 114 -4.69 -10.94 5.18
N ILE A 115 -5.28 -9.84 5.65
CA ILE A 115 -4.77 -8.51 5.36
C ILE A 115 -4.29 -7.89 6.67
N ARG A 116 -3.57 -6.78 6.56
CA ARG A 116 -3.10 -6.09 7.76
C ARG A 116 -4.29 -5.67 8.61
N PHE A 117 -4.29 -6.10 9.86
CA PHE A 117 -5.31 -5.79 10.86
C PHE A 117 -6.64 -6.51 10.61
N GLU A 118 -6.64 -7.59 9.82
CA GLU A 118 -7.87 -8.36 9.60
C GLU A 118 -7.47 -9.75 9.08
N ASP A 119 -7.35 -10.69 10.01
CA ASP A 119 -7.02 -12.08 9.69
C ASP A 119 -8.32 -12.89 9.72
N CYS A 120 -8.84 -13.21 8.53
CA CYS A 120 -10.08 -13.97 8.41
C CYS A 120 -9.74 -15.42 8.07
N SER A 121 -9.18 -16.11 9.07
CA SER A 121 -8.80 -17.50 8.91
C SER A 121 -8.97 -18.22 10.23
N SER A 122 -9.04 -19.55 10.16
CA SER A 122 -9.14 -20.37 11.35
C SER A 122 -8.14 -21.52 11.28
N ALA A 123 -8.26 -22.49 12.19
CA ALA A 123 -7.41 -23.67 12.11
C ALA A 123 -7.75 -24.55 10.91
N LYS A 124 -8.96 -24.42 10.38
CA LYS A 124 -9.38 -25.19 9.21
C LYS A 124 -8.88 -24.60 7.90
N THR A 125 -8.21 -23.44 7.93
CA THR A 125 -7.82 -22.76 6.71
C THR A 125 -6.71 -23.53 6.00
N ILE A 126 -6.96 -23.91 4.75
CA ILE A 126 -5.94 -24.55 3.92
C ILE A 126 -5.61 -23.76 2.67
N LEU A 127 -6.44 -22.79 2.28
CA LEU A 127 -6.15 -21.87 1.19
C LEU A 127 -6.40 -20.45 1.69
N LYS A 128 -5.36 -19.63 1.69
CA LYS A 128 -5.46 -18.28 2.23
C LYS A 128 -4.94 -17.28 1.21
N TYR A 129 -5.81 -16.36 0.79
CA TYR A 129 -5.41 -15.22 -0.04
C TYR A 129 -5.02 -14.07 0.86
N MET A 130 -3.77 -13.62 0.77
CA MET A 130 -3.26 -12.61 1.66
C MET A 130 -2.52 -11.54 0.86
N THR A 131 -2.28 -10.41 1.49
CA THR A 131 -1.42 -9.42 0.85
C THR A 131 0.03 -9.91 0.90
N ASP A 132 0.83 -9.44 -0.06
CA ASP A 132 2.24 -9.78 -0.06
C ASP A 132 2.94 -9.24 1.19
N GLY A 133 2.47 -8.12 1.73
CA GLY A 133 3.04 -7.60 2.96
C GLY A 133 2.78 -8.51 4.16
N MET A 134 1.60 -9.12 4.21
CA MET A 134 1.27 -9.98 5.34
C MET A 134 2.09 -11.27 5.32
N LEU A 135 2.34 -11.83 4.13
CA LEU A 135 3.13 -13.06 4.07
C LEU A 135 4.56 -12.81 4.52
N LEU A 136 5.16 -11.69 4.10
CA LEU A 136 6.49 -11.33 4.58
C LEU A 136 6.48 -11.15 6.10
N ARG A 137 5.38 -10.62 6.65
CA ARG A 137 5.25 -10.46 8.09
C ARG A 137 5.27 -11.81 8.79
N GLU A 138 4.59 -12.80 8.22
CA GLU A 138 4.55 -14.13 8.83
C GLU A 138 5.92 -14.79 8.84
N ALA A 139 6.78 -14.45 7.89
CA ALA A 139 8.08 -15.10 7.79
C ALA A 139 9.00 -14.76 8.95
N MET A 140 8.77 -13.64 9.64
CA MET A 140 9.63 -13.28 10.76
C MET A 140 9.55 -14.31 11.88
N ASN A 141 8.33 -14.78 12.19
CA ASN A 141 8.13 -15.84 13.16
C ASN A 141 8.11 -17.23 12.52
N ASP A 142 8.30 -17.30 11.20
CA ASP A 142 8.34 -18.58 10.49
C ASP A 142 9.29 -18.43 9.31
N PRO A 143 10.60 -18.55 9.56
CA PRO A 143 11.58 -18.18 8.53
C PRO A 143 11.44 -18.97 7.23
N LEU A 144 11.16 -20.27 7.32
CA LEU A 144 11.01 -21.11 6.13
C LEU A 144 9.56 -21.23 5.69
N LEU A 145 8.64 -20.51 6.33
CA LEU A 145 7.22 -20.53 5.99
C LEU A 145 6.69 -21.95 5.93
N GLU A 146 6.99 -22.72 6.98
CA GLU A 146 6.63 -24.14 7.05
C GLU A 146 5.13 -24.35 7.21
N ARG A 147 4.35 -23.30 7.42
CA ARG A 147 2.90 -23.42 7.44
C ARG A 147 2.32 -23.67 6.06
N TYR A 148 3.11 -23.51 5.00
CA TYR A 148 2.63 -23.64 3.63
C TYR A 148 3.49 -24.64 2.87
N GLY A 149 2.84 -25.38 1.97
CA GLY A 149 3.53 -26.28 1.08
C GLY A 149 3.63 -25.72 -0.32
N VAL A 150 2.71 -24.82 -0.65
CA VAL A 150 2.72 -24.11 -1.93
C VAL A 150 2.47 -22.63 -1.65
N ILE A 151 3.36 -21.78 -2.14
CA ILE A 151 3.24 -20.33 -2.01
C ILE A 151 3.14 -19.75 -3.41
N ILE A 152 2.09 -18.98 -3.65
CA ILE A 152 1.80 -18.43 -4.97
C ILE A 152 1.90 -16.91 -4.90
N LEU A 153 2.84 -16.35 -5.65
CA LEU A 153 2.99 -14.89 -5.75
C LEU A 153 2.23 -14.44 -6.99
N ASP A 154 1.05 -13.87 -6.78
CA ASP A 154 0.21 -13.43 -7.88
C ASP A 154 0.46 -11.95 -8.18
N GLU A 155 0.10 -11.54 -9.40
CA GLU A 155 0.24 -10.15 -9.86
C GLU A 155 1.68 -9.68 -9.75
N ALA A 156 2.63 -10.56 -10.09
CA ALA A 156 4.04 -10.22 -9.96
C ALA A 156 4.47 -9.13 -10.94
N HIS A 157 3.67 -8.85 -11.97
CA HIS A 157 4.04 -7.84 -12.95
C HIS A 157 3.98 -6.43 -12.35
N GLU A 158 3.15 -6.23 -11.32
CA GLU A 158 3.06 -4.91 -10.72
C GLU A 158 4.29 -4.55 -9.90
N ARG A 159 5.11 -5.55 -9.54
CA ARG A 159 6.42 -5.34 -8.93
C ARG A 159 6.34 -4.48 -7.68
N THR A 160 5.41 -4.83 -6.79
CA THR A 160 5.33 -4.13 -5.52
C THR A 160 6.56 -4.45 -4.68
N LEU A 161 6.84 -3.57 -3.71
CA LEU A 161 8.01 -3.73 -2.86
C LEU A 161 7.96 -5.05 -2.09
N ALA A 162 6.81 -5.38 -1.52
CA ALA A 162 6.69 -6.60 -0.75
C ALA A 162 6.86 -7.84 -1.62
N THR A 163 6.34 -7.78 -2.86
CA THR A 163 6.50 -8.91 -3.77
C THR A 163 7.98 -9.12 -4.13
N ASP A 164 8.70 -8.03 -4.41
CA ASP A 164 10.11 -8.16 -4.74
C ASP A 164 10.91 -8.74 -3.59
N ILE A 165 10.65 -8.28 -2.36
CA ILE A 165 11.33 -8.84 -1.20
C ILE A 165 10.97 -10.31 -1.02
N LEU A 166 9.69 -10.64 -1.17
CA LEU A 166 9.26 -12.03 -1.03
C LEU A 166 9.96 -12.93 -2.04
N MET A 167 10.11 -12.48 -3.28
CA MET A 167 10.85 -13.26 -4.27
C MET A 167 12.29 -13.49 -3.83
N GLY A 168 12.90 -12.49 -3.20
CA GLY A 168 14.25 -12.65 -2.71
C GLY A 168 14.33 -13.55 -1.49
N VAL A 169 13.32 -13.48 -0.61
CA VAL A 169 13.29 -14.35 0.56
C VAL A 169 12.99 -15.79 0.14
N LEU A 170 11.98 -15.97 -0.72
CA LEU A 170 11.61 -17.32 -1.14
C LEU A 170 12.72 -18.00 -1.92
N LYS A 171 13.50 -17.24 -2.70
CA LYS A 171 14.63 -17.82 -3.39
C LYS A 171 15.65 -18.40 -2.42
N GLU A 172 15.75 -17.81 -1.22
CA GLU A 172 16.63 -18.34 -0.18
C GLU A 172 15.99 -19.48 0.57
N VAL A 173 14.67 -19.47 0.72
CA VAL A 173 13.97 -20.51 1.46
C VAL A 173 14.04 -21.84 0.71
N VAL A 174 13.82 -21.82 -0.61
CA VAL A 174 13.84 -23.05 -1.38
C VAL A 174 15.22 -23.69 -1.41
N ARG A 175 16.27 -22.93 -1.11
CA ARG A 175 17.59 -23.52 -0.95
C ARG A 175 17.74 -24.28 0.36
N GLN A 176 16.77 -24.16 1.26
CA GLN A 176 16.80 -24.86 2.54
C GLN A 176 15.63 -25.80 2.75
N ARG A 177 14.49 -25.54 2.10
CA ARG A 177 13.33 -26.43 2.13
C ARG A 177 13.18 -27.07 0.76
N SER A 178 13.13 -28.40 0.73
CA SER A 178 13.00 -29.11 -0.53
C SER A 178 11.54 -29.37 -0.92
N ASP A 179 10.63 -29.41 0.04
CA ASP A 179 9.23 -29.74 -0.23
C ASP A 179 8.40 -28.52 -0.67
N LEU A 180 8.90 -27.31 -0.48
CA LEU A 180 8.11 -26.13 -0.75
C LEU A 180 8.00 -25.89 -2.26
N LYS A 181 6.79 -25.60 -2.73
CA LYS A 181 6.53 -25.23 -4.11
C LYS A 181 6.26 -23.73 -4.20
N VAL A 182 6.97 -23.04 -5.08
CA VAL A 182 6.81 -21.61 -5.28
C VAL A 182 6.35 -21.37 -6.71
N ILE A 183 5.27 -20.62 -6.87
CA ILE A 183 4.70 -20.29 -8.16
C ILE A 183 4.61 -18.77 -8.29
N VAL A 184 5.28 -18.21 -9.29
CA VAL A 184 5.21 -16.79 -9.58
C VAL A 184 4.29 -16.59 -10.77
N MET A 185 3.17 -15.90 -10.57
CA MET A 185 2.18 -15.67 -11.60
C MET A 185 2.19 -14.20 -12.02
N SER A 186 2.12 -13.97 -13.33
CA SER A 186 2.19 -12.64 -13.89
C SER A 186 1.24 -12.53 -15.09
N ALA A 187 0.75 -11.31 -15.34
CA ALA A 187 -0.13 -11.06 -16.46
C ALA A 187 0.63 -10.70 -17.74
N THR A 188 1.93 -10.48 -17.66
CA THR A 188 2.77 -10.20 -18.81
C THR A 188 3.99 -11.11 -18.76
N LEU A 189 4.68 -11.24 -19.90
CA LEU A 189 5.85 -12.10 -19.96
C LEU A 189 7.05 -11.46 -19.27
N ASP A 190 7.24 -10.15 -19.45
CA ASP A 190 8.34 -9.41 -18.86
C ASP A 190 9.70 -9.98 -19.28
N ALA A 191 9.78 -10.43 -20.53
CA ALA A 191 11.04 -10.86 -21.14
C ALA A 191 11.71 -11.99 -20.34
N GLY A 192 10.92 -12.85 -19.73
CA GLY A 192 11.47 -13.97 -18.97
C GLY A 192 12.33 -13.57 -17.80
N LYS A 193 12.06 -12.40 -17.20
CA LYS A 193 12.88 -11.92 -16.09
C LYS A 193 12.70 -12.79 -14.85
N PHE A 194 11.46 -13.16 -14.54
CA PHE A 194 11.22 -14.05 -13.40
C PHE A 194 11.83 -15.42 -13.63
N GLN A 195 11.88 -15.87 -14.88
CA GLN A 195 12.50 -17.16 -15.20
C GLN A 195 13.98 -17.16 -14.84
N ILE A 196 14.73 -16.21 -15.41
CA ILE A 196 16.16 -16.12 -15.15
C ILE A 196 16.44 -15.95 -13.66
N TYR A 197 15.57 -15.23 -12.96
CA TYR A 197 15.78 -14.97 -11.54
C TYR A 197 15.70 -16.26 -10.73
N PHE A 198 14.72 -17.11 -11.01
CA PHE A 198 14.58 -18.39 -10.32
C PHE A 198 15.31 -19.52 -11.04
N ASP A 199 16.49 -19.23 -11.57
CA ASP A 199 17.42 -20.24 -12.11
C ASP A 199 16.84 -20.95 -13.34
N ASN A 200 16.29 -20.16 -14.26
CA ASN A 200 15.75 -20.67 -15.53
C ASN A 200 14.74 -21.78 -15.30
N CYS A 201 13.73 -21.46 -14.51
CA CYS A 201 12.66 -22.39 -14.18
C CYS A 201 11.70 -22.52 -15.37
N PRO A 202 10.83 -23.54 -15.36
CA PRO A 202 9.85 -23.67 -16.45
C PRO A 202 8.91 -22.48 -16.52
N LEU A 203 8.25 -22.35 -17.67
CA LEU A 203 7.28 -21.30 -17.93
C LEU A 203 6.03 -21.92 -18.55
N LEU A 204 4.87 -21.56 -18.02
CA LEU A 204 3.59 -22.00 -18.56
C LEU A 204 2.76 -20.77 -18.90
N THR A 205 2.48 -20.60 -20.19
CA THR A 205 1.73 -19.45 -20.69
C THR A 205 0.33 -19.89 -21.08
N ILE A 206 -0.67 -19.18 -20.55
CA ILE A 206 -2.07 -19.43 -20.89
C ILE A 206 -2.48 -18.40 -21.94
N PRO A 207 -2.93 -18.81 -23.13
CA PRO A 207 -3.31 -17.83 -24.15
C PRO A 207 -4.46 -16.96 -23.68
N GLY A 208 -4.41 -15.69 -24.07
CA GLY A 208 -5.44 -14.75 -23.70
C GLY A 208 -6.66 -14.86 -24.60
N ARG A 209 -7.82 -14.62 -24.01
CA ARG A 209 -9.09 -14.57 -24.73
C ARG A 209 -9.63 -13.14 -24.64
N THR A 210 -8.92 -12.21 -25.27
CA THR A 210 -9.27 -10.80 -25.28
C THR A 210 -9.51 -10.34 -26.70
N HIS A 211 -10.65 -9.72 -26.95
CA HIS A 211 -11.02 -9.29 -28.28
C HIS A 211 -10.13 -8.12 -28.73
N PRO A 212 -10.11 -7.83 -30.03
CA PRO A 212 -9.39 -6.64 -30.51
C PRO A 212 -9.92 -5.38 -29.86
N VAL A 213 -9.03 -4.41 -29.67
CA VAL A 213 -9.37 -3.14 -29.02
C VAL A 213 -8.88 -2.01 -29.92
N GLU A 214 -9.80 -1.12 -30.30
CA GLU A 214 -9.43 0.08 -31.03
C GLU A 214 -8.94 1.16 -30.07
N ILE A 215 -7.84 1.81 -30.43
CA ILE A 215 -7.21 2.82 -29.61
C ILE A 215 -7.39 4.18 -30.28
N PHE A 216 -7.89 5.15 -29.52
CA PHE A 216 -8.10 6.51 -30.00
C PHE A 216 -7.19 7.45 -29.22
N TYR A 217 -6.37 8.21 -29.96
CA TYR A 217 -5.50 9.22 -29.37
C TYR A 217 -6.04 10.61 -29.64
N THR A 218 -5.78 11.52 -28.71
CA THR A 218 -6.18 12.91 -28.91
C THR A 218 -5.28 13.56 -29.96
N PRO A 219 -5.82 14.52 -30.73
CA PRO A 219 -4.98 15.18 -31.74
C PRO A 219 -3.87 16.03 -31.12
N GLU A 220 -4.12 16.65 -29.98
CA GLU A 220 -3.16 17.47 -29.28
C GLU A 220 -3.21 17.12 -27.80
N PRO A 221 -2.16 17.46 -27.04
CA PRO A 221 -2.20 17.25 -25.59
C PRO A 221 -3.35 18.01 -24.95
N GLU A 222 -3.86 17.47 -23.85
CA GLU A 222 -4.98 18.07 -23.13
C GLU A 222 -4.47 19.02 -22.06
N ARG A 223 -5.18 20.14 -21.88
CA ARG A 223 -4.81 21.08 -20.83
C ARG A 223 -5.20 20.56 -19.46
N ASP A 224 -6.34 19.86 -19.37
CA ASP A 224 -6.83 19.32 -18.11
C ASP A 224 -7.37 17.91 -18.38
N TYR A 225 -6.73 16.90 -17.82
CA TYR A 225 -7.15 15.53 -18.09
C TYR A 225 -8.47 15.19 -17.41
N LEU A 226 -8.83 15.87 -16.33
CA LEU A 226 -10.11 15.62 -15.69
C LEU A 226 -11.26 16.16 -16.55
N GLU A 227 -11.07 17.34 -17.15
CA GLU A 227 -12.07 17.85 -18.07
C GLU A 227 -12.21 16.95 -19.30
N ALA A 228 -11.09 16.49 -19.84
CA ALA A 228 -11.14 15.61 -21.00
C ALA A 228 -11.84 14.29 -20.65
N ALA A 229 -11.65 13.81 -19.42
CA ALA A 229 -12.34 12.60 -19.00
C ALA A 229 -13.85 12.83 -18.93
N ILE A 230 -14.27 13.96 -18.38
CA ILE A 230 -15.70 14.27 -18.31
C ILE A 230 -16.24 14.52 -19.72
N ARG A 231 -15.45 15.15 -20.59
CA ARG A 231 -15.90 15.38 -21.95
C ARG A 231 -16.04 14.07 -22.72
N THR A 232 -15.11 13.13 -22.50
CA THR A 232 -15.16 11.87 -23.22
C THR A 232 -16.30 10.99 -22.73
N VAL A 233 -16.60 11.03 -21.43
CA VAL A 233 -17.65 10.17 -20.88
C VAL A 233 -18.99 10.50 -21.52
N ILE A 234 -19.31 11.78 -21.66
CA ILE A 234 -20.62 12.15 -22.21
C ILE A 234 -20.65 11.95 -23.72
N GLN A 235 -19.50 12.08 -24.40
CA GLN A 235 -19.48 11.85 -25.84
C GLN A 235 -19.66 10.37 -26.17
N ILE A 236 -19.16 9.47 -25.32
CA ILE A 236 -19.41 8.05 -25.51
C ILE A 236 -20.89 7.73 -25.29
N HIS A 237 -21.51 8.41 -24.33
CA HIS A 237 -22.88 8.07 -23.94
C HIS A 237 -23.88 8.31 -25.06
N MET A 238 -23.64 9.35 -25.88
CA MET A 238 -24.59 9.75 -26.91
C MET A 238 -24.20 9.32 -28.31
N CYS A 239 -22.91 9.35 -28.63
CA CYS A 239 -22.43 9.05 -29.98
C CYS A 239 -22.12 7.57 -30.19
N GLU A 240 -22.50 6.71 -29.24
CA GLU A 240 -22.33 5.27 -29.38
C GLU A 240 -23.69 4.60 -29.35
N GLU A 241 -23.94 3.73 -30.32
CA GLU A 241 -25.19 2.98 -30.39
C GLU A 241 -25.08 1.57 -29.82
N GLU A 242 -23.89 1.00 -29.80
CA GLU A 242 -23.69 -0.30 -29.17
C GLU A 242 -23.87 -0.19 -27.66
N GLU A 243 -24.74 -1.02 -27.10
CA GLU A 243 -24.87 -1.11 -25.65
C GLU A 243 -23.52 -1.47 -25.04
N GLY A 244 -23.16 -0.76 -23.98
CA GLY A 244 -21.87 -1.00 -23.35
C GLY A 244 -21.70 -0.12 -22.13
N ASP A 245 -20.72 -0.49 -21.32
CA ASP A 245 -20.39 0.21 -20.09
C ASP A 245 -19.05 0.93 -20.23
N LEU A 246 -18.84 1.90 -19.35
CA LEU A 246 -17.65 2.74 -19.39
C LEU A 246 -16.78 2.48 -18.18
N LEU A 247 -15.47 2.59 -18.38
CA LEU A 247 -14.47 2.41 -17.33
C LEU A 247 -13.49 3.57 -17.39
N LEU A 248 -13.52 4.44 -16.39
CA LEU A 248 -12.66 5.61 -16.32
C LEU A 248 -11.62 5.42 -15.22
N PHE A 249 -10.35 5.63 -15.57
CA PHE A 249 -9.24 5.46 -14.63
C PHE A 249 -8.82 6.82 -14.10
N LEU A 250 -9.02 7.04 -12.81
CA LEU A 250 -8.55 8.25 -12.15
C LEU A 250 -7.57 7.88 -11.04
N THR A 251 -6.93 8.91 -10.47
CA THR A 251 -5.78 8.69 -9.60
C THR A 251 -6.14 8.46 -8.14
N GLY A 252 -7.18 9.12 -7.63
CA GLY A 252 -7.49 9.01 -6.21
C GLY A 252 -8.97 9.22 -5.92
N GLN A 253 -9.30 9.15 -4.64
CA GLN A 253 -10.69 9.24 -4.22
C GLN A 253 -11.27 10.63 -4.47
N GLU A 254 -10.54 11.68 -4.07
CA GLU A 254 -11.03 13.04 -4.27
C GLU A 254 -11.29 13.32 -5.74
N GLU A 255 -10.40 12.86 -6.61
CA GLU A 255 -10.56 13.04 -8.05
C GLU A 255 -11.76 12.26 -8.57
N ILE A 256 -12.10 11.14 -7.93
CA ILE A 256 -13.22 10.32 -8.39
C ILE A 256 -14.55 10.96 -8.01
N ASP A 257 -14.72 11.32 -6.74
CA ASP A 257 -15.95 11.95 -6.30
C ASP A 257 -16.20 13.28 -6.99
N GLU A 258 -15.12 14.01 -7.30
CA GLU A 258 -15.27 15.23 -8.07
C GLU A 258 -15.80 14.94 -9.47
N ALA A 259 -15.25 13.92 -10.13
CA ALA A 259 -15.70 13.58 -11.48
C ALA A 259 -17.12 13.03 -11.47
N CYS A 260 -17.42 12.14 -10.53
CA CYS A 260 -18.79 11.60 -10.44
C CYS A 260 -19.80 12.71 -10.20
N LYS A 261 -19.41 13.77 -9.50
CA LYS A 261 -20.32 14.89 -9.28
C LYS A 261 -20.56 15.67 -10.55
N ARG A 262 -19.49 15.98 -11.30
CA ARG A 262 -19.63 16.77 -12.51
C ARG A 262 -20.27 15.97 -13.64
N ILE A 263 -20.01 14.66 -13.70
CA ILE A 263 -20.67 13.83 -14.71
C ILE A 263 -22.17 13.80 -14.47
N LYS A 264 -22.58 13.72 -13.21
CA LYS A 264 -24.01 13.73 -12.89
C LYS A 264 -24.64 15.08 -13.22
N ARG A 265 -23.96 16.17 -12.90
CA ARG A 265 -24.52 17.50 -13.14
C ARG A 265 -24.68 17.77 -14.64
N GLU A 266 -23.68 17.41 -15.44
CA GLU A 266 -23.73 17.73 -16.86
C GLU A 266 -24.65 16.81 -17.64
N VAL A 267 -24.80 15.55 -17.21
CA VAL A 267 -25.73 14.66 -17.90
C VAL A 267 -27.17 14.98 -17.52
N ASP A 268 -27.41 15.34 -16.25
CA ASP A 268 -28.76 15.70 -15.84
C ASP A 268 -29.28 16.94 -16.57
N ASP A 269 -28.39 17.78 -17.09
CA ASP A 269 -28.80 18.95 -17.85
C ASP A 269 -29.37 18.53 -19.21
N LYS A 278 -25.70 4.95 -14.81
CA LYS A 278 -25.27 4.63 -13.45
C LYS A 278 -23.82 5.05 -13.21
N ILE A 279 -23.62 6.01 -12.32
CA ILE A 279 -22.29 6.49 -11.97
C ILE A 279 -21.79 5.70 -10.77
N ILE A 280 -20.74 4.92 -10.96
CA ILE A 280 -20.24 4.02 -9.93
C ILE A 280 -18.81 4.38 -9.56
N PRO A 281 -18.57 4.89 -8.36
CA PRO A 281 -17.19 5.07 -7.90
C PRO A 281 -16.60 3.77 -7.38
N LEU A 282 -15.27 3.72 -7.36
CA LEU A 282 -14.57 2.54 -6.86
C LEU A 282 -13.16 2.94 -6.46
N TYR A 283 -12.90 2.94 -5.15
CA TYR A 283 -11.55 3.08 -4.63
C TYR A 283 -11.38 2.13 -3.45
N SER A 284 -10.16 2.07 -2.92
CA SER A 284 -9.83 1.08 -1.91
C SER A 284 -10.60 1.31 -0.63
N THR A 285 -10.60 2.54 -0.11
CA THR A 285 -11.25 2.84 1.16
C THR A 285 -12.76 2.96 1.04
N LEU A 286 -13.32 2.83 -0.15
CA LEU A 286 -14.77 2.85 -0.30
C LEU A 286 -15.37 1.63 0.38
N PRO A 287 -16.46 1.79 1.12
CA PRO A 287 -17.07 0.65 1.83
C PRO A 287 -17.46 -0.46 0.87
N PRO A 288 -17.30 -1.72 1.30
CA PRO A 288 -17.65 -2.84 0.41
C PRO A 288 -19.11 -2.85 -0.03
N GLN A 289 -19.99 -2.20 0.71
CA GLN A 289 -21.39 -2.10 0.29
C GLN A 289 -21.51 -1.34 -1.03
N GLN A 290 -20.77 -0.24 -1.16
CA GLN A 290 -20.77 0.52 -2.41
C GLN A 290 -19.86 -0.10 -3.46
N GLN A 291 -18.82 -0.82 -3.04
CA GLN A 291 -17.86 -1.36 -3.99
C GLN A 291 -18.47 -2.48 -4.84
N GLN A 292 -19.35 -3.29 -4.24
CA GLN A 292 -19.99 -4.36 -5.00
C GLN A 292 -21.01 -3.87 -6.02
N ARG A 293 -21.24 -2.55 -6.10
CA ARG A 293 -22.15 -2.01 -7.09
C ARG A 293 -21.57 -2.00 -8.50
N ILE A 294 -20.29 -2.33 -8.67
CA ILE A 294 -19.71 -2.37 -10.01
C ILE A 294 -20.24 -3.55 -10.82
N PHE A 295 -20.83 -4.55 -10.15
CA PHE A 295 -21.33 -5.74 -10.82
C PHE A 295 -22.82 -5.67 -11.16
N GLU A 296 -23.57 -4.74 -10.58
CA GLU A 296 -25.00 -4.69 -10.83
C GLU A 296 -25.28 -4.24 -12.26
N PRO A 297 -26.41 -4.67 -12.83
CA PRO A 297 -26.65 -4.44 -14.26
C PRO A 297 -26.86 -2.96 -14.57
N PRO A 298 -26.62 -2.57 -15.82
CA PRO A 298 -26.90 -1.18 -16.23
C PRO A 298 -28.39 -0.93 -16.32
N PRO A 299 -28.84 0.34 -16.37
CA PRO A 299 -30.27 0.61 -16.37
C PRO A 299 -30.95 0.31 -17.70
N ALA A 306 -33.13 5.83 -26.08
CA ALA A 306 -31.85 6.29 -25.55
C ALA A 306 -31.20 5.20 -24.70
N ILE A 307 -29.99 4.80 -25.09
CA ILE A 307 -29.29 3.71 -24.43
C ILE A 307 -28.90 4.13 -23.02
N GLY A 308 -29.25 3.29 -22.04
CA GLY A 308 -28.78 3.48 -20.68
C GLY A 308 -27.50 2.69 -20.45
N ARG A 309 -26.53 3.34 -19.80
CA ARG A 309 -25.19 2.80 -19.66
C ARG A 309 -24.72 2.88 -18.22
N LYS A 310 -23.58 2.23 -17.98
CA LYS A 310 -22.91 2.24 -16.69
C LYS A 310 -21.53 2.86 -16.86
N VAL A 311 -21.18 3.80 -15.99
CA VAL A 311 -19.87 4.42 -15.98
C VAL A 311 -19.21 4.14 -14.63
N VAL A 312 -18.06 3.48 -14.65
CA VAL A 312 -17.32 3.14 -13.45
C VAL A 312 -16.11 4.06 -13.36
N VAL A 313 -16.14 4.97 -12.40
CA VAL A 313 -15.04 5.89 -12.15
C VAL A 313 -14.20 5.26 -11.05
N SER A 314 -13.09 4.65 -11.43
CA SER A 314 -12.30 3.82 -10.54
C SER A 314 -10.83 4.22 -10.61
N THR A 315 -10.04 3.69 -9.67
CA THR A 315 -8.60 3.81 -9.72
C THR A 315 -8.03 2.60 -10.47
N ASN A 316 -6.71 2.44 -10.43
CA ASN A 316 -6.12 1.29 -11.13
C ASN A 316 -6.39 -0.04 -10.43
N ILE A 317 -7.30 -0.08 -9.45
CA ILE A 317 -7.74 -1.35 -8.90
C ILE A 317 -8.31 -2.24 -9.99
N ALA A 318 -8.99 -1.65 -10.96
CA ALA A 318 -9.60 -2.38 -12.06
C ALA A 318 -8.65 -2.57 -13.24
N GLU A 319 -7.38 -2.20 -13.10
CA GLU A 319 -6.44 -2.36 -14.20
C GLU A 319 -6.13 -3.83 -14.44
N THR A 320 -5.88 -4.59 -13.38
CA THR A 320 -5.64 -6.03 -13.48
C THR A 320 -6.21 -6.84 -12.33
N SER A 321 -6.47 -6.26 -11.16
CA SER A 321 -6.81 -7.06 -9.99
C SER A 321 -8.17 -7.73 -10.11
N LEU A 322 -9.10 -7.12 -10.83
CA LEU A 322 -10.42 -7.70 -11.02
C LEU A 322 -10.89 -7.40 -12.43
N THR A 323 -12.06 -7.96 -12.77
CA THR A 323 -12.64 -7.78 -14.10
C THR A 323 -14.13 -7.48 -13.95
N ILE A 324 -14.64 -6.66 -14.86
CA ILE A 324 -16.05 -6.30 -14.84
C ILE A 324 -16.70 -6.69 -16.17
N VAL A 327 -18.11 -4.09 -19.72
CA VAL A 327 -17.31 -2.91 -20.03
C VAL A 327 -16.75 -3.01 -21.44
N VAL A 328 -17.18 -2.08 -22.30
CA VAL A 328 -16.72 -2.05 -23.69
C VAL A 328 -15.89 -0.83 -24.01
N PHE A 329 -15.99 0.25 -23.22
CA PHE A 329 -15.27 1.49 -23.51
C PHE A 329 -14.47 1.90 -22.28
N VAL A 330 -13.19 2.20 -22.51
CA VAL A 330 -12.25 2.56 -21.45
C VAL A 330 -11.69 3.94 -21.75
N ILE A 331 -11.68 4.81 -20.74
CA ILE A 331 -11.10 6.14 -20.86
C ILE A 331 -9.82 6.17 -20.02
N ASP A 332 -8.69 6.36 -20.69
CA ASP A 332 -7.38 6.30 -20.04
C ASP A 332 -6.74 7.69 -20.03
N PRO A 333 -6.85 8.44 -18.94
CA PRO A 333 -6.09 9.70 -18.84
C PRO A 333 -4.59 9.50 -18.78
N GLY A 334 -4.12 8.32 -18.38
CA GLY A 334 -2.70 8.02 -18.38
C GLY A 334 -1.96 8.36 -17.11
N PHE A 335 -2.63 8.45 -15.98
CA PHE A 335 -1.99 8.80 -14.72
C PHE A 335 -2.45 7.86 -13.62
N ALA A 336 -1.55 7.66 -12.64
CA ALA A 336 -1.85 6.92 -11.43
C ALA A 336 -1.12 7.59 -10.28
N LYS A 337 -1.57 7.29 -9.06
CA LYS A 337 -0.97 7.85 -7.85
C LYS A 337 -0.02 6.81 -7.26
N GLN A 338 1.24 7.21 -7.08
CA GLN A 338 2.27 6.36 -6.50
C GLN A 338 2.87 7.04 -5.27
N LYS A 339 3.27 6.22 -4.31
CA LYS A 339 3.98 6.70 -3.12
C LYS A 339 5.47 6.58 -3.36
N VAL A 340 6.13 7.72 -3.58
CA VAL A 340 7.54 7.74 -3.94
C VAL A 340 8.35 8.30 -2.77
N TYR A 341 9.63 7.96 -2.76
CA TYR A 341 10.55 8.37 -1.69
C TYR A 341 11.83 8.93 -2.31
N ASN A 342 12.16 10.17 -1.95
CA ASN A 342 13.39 10.82 -2.40
C ASN A 342 14.42 10.71 -1.29
N PRO A 343 15.41 9.82 -1.39
CA PRO A 343 16.37 9.65 -0.30
C PRO A 343 17.29 10.83 -0.09
N ARG A 344 17.45 11.70 -1.10
CA ARG A 344 18.32 12.86 -0.94
C ARG A 344 17.80 13.78 0.15
N ILE A 345 16.50 14.06 0.13
CA ILE A 345 15.87 14.98 1.08
C ILE A 345 15.00 14.24 2.08
N ARG A 346 15.03 12.90 2.07
CA ARG A 346 14.30 12.07 3.03
C ARG A 346 12.81 12.44 3.07
N VAL A 347 12.22 12.56 1.87
CA VAL A 347 10.81 12.91 1.73
C VAL A 347 10.08 11.74 1.07
N GLU A 348 8.98 11.32 1.68
CA GLU A 348 8.11 10.30 1.14
C GLU A 348 6.72 10.91 0.97
N SER A 349 6.14 10.75 -0.22
CA SER A 349 4.86 11.38 -0.51
C SER A 349 4.13 10.61 -1.60
N LEU A 350 2.81 10.73 -1.59
CA LEU A 350 2.00 10.25 -2.70
C LEU A 350 2.14 11.22 -3.87
N LEU A 351 2.23 10.66 -5.07
CA LEU A 351 2.51 11.44 -6.28
C LEU A 351 1.68 10.92 -7.43
N VAL A 352 1.12 11.85 -8.20
CA VAL A 352 0.46 11.53 -9.46
C VAL A 352 1.51 11.57 -10.55
N THR A 353 1.61 10.48 -11.32
CA THR A 353 2.66 10.35 -12.31
C THR A 353 2.12 9.56 -13.50
N ALA A 354 2.78 9.73 -14.64
CA ALA A 354 2.34 9.06 -15.86
C ALA A 354 2.57 7.56 -15.78
N ILE A 355 1.64 6.79 -16.33
CA ILE A 355 1.72 5.33 -16.31
C ILE A 355 2.70 4.87 -17.38
N SER A 356 3.01 3.58 -17.37
CA SER A 356 3.90 2.99 -18.36
C SER A 356 3.08 2.49 -19.55
N LYS A 357 3.79 2.26 -20.67
CA LYS A 357 3.13 1.69 -21.84
C LYS A 357 2.57 0.31 -21.52
N ALA A 358 3.21 -0.42 -20.61
CA ALA A 358 2.64 -1.68 -20.13
C ALA A 358 1.36 -1.44 -19.35
N SER A 359 1.34 -0.41 -18.51
CA SER A 359 0.13 -0.08 -17.76
C SER A 359 -0.98 0.37 -18.71
N ALA A 360 -0.64 1.18 -19.72
CA ALA A 360 -1.63 1.65 -20.67
C ALA A 360 -2.24 0.48 -21.45
N GLN A 361 -1.40 -0.48 -21.86
CA GLN A 361 -1.92 -1.65 -22.57
C GLN A 361 -2.84 -2.48 -21.68
N GLN A 362 -2.54 -2.54 -20.38
CA GLN A 362 -3.41 -3.27 -19.47
C GLN A 362 -4.74 -2.56 -19.25
N ARG A 363 -4.74 -1.23 -19.28
CA ARG A 363 -6.01 -0.50 -19.19
C ARG A 363 -6.84 -0.67 -20.46
N ALA A 364 -6.19 -0.61 -21.62
CA ALA A 364 -6.91 -0.80 -22.88
C ALA A 364 -7.41 -2.23 -23.02
N GLY A 365 -6.66 -3.21 -22.51
CA GLY A 365 -7.08 -4.59 -22.60
C GLY A 365 -8.37 -4.89 -21.86
N ARG A 366 -8.74 -4.05 -20.89
CA ARG A 366 -9.98 -4.26 -20.14
C ARG A 366 -11.22 -3.95 -20.96
N ALA A 367 -11.07 -3.27 -22.11
CA ALA A 367 -12.21 -3.03 -22.99
C ALA A 367 -12.55 -4.25 -23.82
N GLY A 368 -11.57 -5.08 -24.16
CA GLY A 368 -11.80 -6.22 -25.01
C GLY A 368 -12.14 -7.49 -24.24
N ARG A 369 -12.92 -7.35 -23.17
CA ARG A 369 -13.31 -8.50 -22.35
C ARG A 369 -14.49 -9.23 -22.95
N THR A 370 -15.68 -8.60 -22.90
CA THR A 370 -16.87 -9.22 -23.45
C THR A 370 -16.79 -9.35 -24.97
N ARG A 371 -16.33 -8.29 -25.64
CA ARG A 371 -16.36 -8.21 -27.09
C ARG A 371 -15.37 -7.13 -27.53
N PRO A 372 -15.17 -6.88 -28.83
CA PRO A 372 -14.28 -5.79 -29.23
C PRO A 372 -14.72 -4.46 -28.63
N GLY A 373 -13.75 -3.73 -28.08
CA GLY A 373 -14.04 -2.47 -27.43
C GLY A 373 -13.17 -1.33 -27.91
N LYS A 374 -13.23 -0.20 -27.20
CA LYS A 374 -12.48 0.99 -27.58
C LYS A 374 -11.86 1.61 -26.34
N CYS A 375 -10.58 1.97 -26.44
CA CYS A 375 -9.88 2.68 -25.38
C CYS A 375 -9.55 4.09 -25.88
N PHE A 376 -10.02 5.09 -25.14
CA PHE A 376 -9.77 6.49 -25.47
C PHE A 376 -8.65 6.99 -24.57
N ARG A 377 -7.44 7.08 -25.13
CA ARG A 377 -6.29 7.59 -24.41
C ARG A 377 -6.24 9.10 -24.56
N LEU A 378 -6.28 9.81 -23.44
CA LEU A 378 -6.36 11.27 -23.46
C LEU A 378 -4.97 11.88 -23.65
N TYR A 379 -4.25 11.40 -24.65
CA TYR A 379 -2.92 11.92 -24.98
C TYR A 379 -2.59 11.51 -26.40
N THR A 380 -1.61 12.20 -26.99
CA THR A 380 -1.25 11.98 -28.37
C THR A 380 -0.50 10.65 -28.53
N GLU A 381 -0.38 10.20 -29.78
CA GLU A 381 0.38 8.99 -30.05
C GLU A 381 1.86 9.20 -29.79
N LYS A 382 2.38 10.39 -30.08
CA LYS A 382 3.80 10.65 -29.84
C LYS A 382 4.09 10.75 -28.35
N ALA A 383 3.12 11.17 -27.54
CA ALA A 383 3.30 11.16 -26.09
C ALA A 383 3.35 9.73 -25.56
N TYR A 384 2.58 8.83 -26.17
CA TYR A 384 2.62 7.43 -25.77
C TYR A 384 3.97 6.80 -26.08
N LYS A 385 4.52 7.07 -27.26
CA LYS A 385 5.72 6.40 -27.73
C LYS A 385 7.01 7.10 -27.28
N THR A 386 7.02 8.43 -27.18
CA THR A 386 8.24 9.16 -26.90
C THR A 386 8.31 9.72 -25.48
N GLU A 387 7.32 9.46 -24.64
CA GLU A 387 7.33 10.02 -23.29
C GLU A 387 7.05 8.98 -22.23
N MET A 388 6.21 7.99 -22.55
CA MET A 388 5.87 6.96 -21.58
C MET A 388 6.92 5.86 -21.59
N GLN A 389 7.39 5.48 -20.40
CA GLN A 389 8.33 4.38 -20.29
C GLN A 389 7.67 3.07 -20.72
N ASP A 390 8.49 2.13 -21.18
CA ASP A 390 7.97 0.83 -21.60
C ASP A 390 7.36 0.08 -20.42
N ASN A 391 8.07 0.05 -19.29
CA ASN A 391 7.61 -0.64 -18.10
C ASN A 391 7.65 0.30 -16.91
N THR A 392 6.75 0.07 -15.96
CA THR A 392 6.69 0.89 -14.76
C THR A 392 7.83 0.51 -13.83
N TYR A 393 8.48 1.54 -13.26
CA TYR A 393 9.58 1.33 -12.35
C TYR A 393 9.18 0.37 -11.23
N PRO A 394 9.99 -0.65 -10.93
CA PRO A 394 9.71 -1.48 -9.76
C PRO A 394 9.63 -0.62 -8.50
N GLU A 395 8.64 -0.93 -7.66
CA GLU A 395 8.36 -0.11 -6.49
C GLU A 395 9.57 -0.01 -5.57
N ILE A 396 10.45 -1.01 -5.60
CA ILE A 396 11.62 -1.00 -4.72
C ILE A 396 12.58 0.14 -5.06
N LEU A 397 12.53 0.68 -6.27
CA LEU A 397 13.41 1.76 -6.69
C LEU A 397 12.88 3.14 -6.33
N ARG A 398 11.77 3.21 -5.58
CA ARG A 398 11.15 4.50 -5.28
C ARG A 398 10.38 4.41 -3.97
N SER A 399 10.92 3.67 -3.00
CA SER A 399 10.23 3.45 -1.73
C SER A 399 11.16 3.68 -0.56
N ASN A 400 10.57 3.97 0.59
CA ASN A 400 11.28 3.98 1.86
C ASN A 400 11.46 2.55 2.32
N LEU A 401 12.72 2.11 2.43
CA LEU A 401 13.02 0.71 2.73
C LEU A 401 13.21 0.44 4.21
N GLY A 402 13.01 1.42 5.08
CA GLY A 402 13.27 1.22 6.50
C GLY A 402 12.46 0.09 7.10
N SER A 403 11.18 0.00 6.75
CA SER A 403 10.35 -1.08 7.28
C SER A 403 10.76 -2.43 6.71
N VAL A 404 11.12 -2.47 5.41
CA VAL A 404 11.50 -3.72 4.79
C VAL A 404 12.85 -4.21 5.33
N VAL A 405 13.79 -3.28 5.54
CA VAL A 405 15.10 -3.66 6.09
C VAL A 405 14.95 -4.22 7.50
N LEU A 406 14.09 -3.59 8.31
CA LEU A 406 13.89 -4.05 9.68
C LEU A 406 13.33 -5.47 9.71
N GLN A 407 12.37 -5.77 8.83
CA GLN A 407 11.80 -7.11 8.79
C GLN A 407 12.81 -8.13 8.28
N LEU A 408 13.69 -7.73 7.35
CA LEU A 408 14.72 -8.64 6.85
C LEU A 408 15.75 -8.94 7.93
N LYS A 409 16.17 -7.92 8.69
CA LYS A 409 17.11 -8.16 9.78
C LYS A 409 16.48 -9.03 10.87
N LYS A 410 15.19 -8.82 11.14
CA LYS A 410 14.48 -9.70 12.07
C LYS A 410 14.41 -11.12 11.52
N LEU A 411 14.26 -11.26 10.20
CA LEU A 411 14.26 -12.58 9.59
C LEU A 411 15.60 -13.29 9.72
N GLY A 412 16.68 -12.55 9.96
CA GLY A 412 18.00 -13.12 10.04
C GLY A 412 18.88 -12.88 8.84
N ILE A 413 18.48 -12.01 7.92
CA ILE A 413 19.28 -11.67 6.75
C ILE A 413 20.14 -10.46 7.11
N ASP A 414 21.42 -10.69 7.33
CA ASP A 414 22.34 -9.62 7.74
C ASP A 414 22.91 -8.85 6.56
N ASP A 415 23.25 -9.54 5.47
CA ASP A 415 23.90 -8.91 4.32
C ASP A 415 22.83 -8.49 3.31
N LEU A 416 22.41 -7.23 3.38
CA LEU A 416 21.46 -6.69 2.42
C LEU A 416 22.14 -6.07 1.20
N VAL A 417 23.47 -5.98 1.19
CA VAL A 417 24.17 -5.52 0.00
C VAL A 417 24.12 -6.58 -1.09
N HIS A 418 24.49 -7.82 -0.75
CA HIS A 418 24.53 -8.91 -1.70
C HIS A 418 23.25 -9.73 -1.71
N PHE A 419 22.20 -9.26 -1.02
CA PHE A 419 20.89 -9.89 -1.11
C PHE A 419 20.42 -9.88 -2.56
N ASP A 420 19.92 -11.03 -3.02
CA ASP A 420 19.58 -11.20 -4.43
C ASP A 420 18.23 -10.56 -4.71
N PHE A 421 18.25 -9.24 -4.89
CA PHE A 421 17.09 -8.53 -5.42
C PHE A 421 16.96 -8.81 -6.91
N MET A 422 15.71 -8.84 -7.39
CA MET A 422 15.51 -8.84 -8.84
C MET A 422 15.99 -7.53 -9.44
N ASP A 423 15.63 -6.42 -8.82
CA ASP A 423 16.16 -5.10 -9.16
C ASP A 423 16.71 -4.48 -7.89
N PRO A 424 18.03 -4.43 -7.71
CA PRO A 424 18.60 -3.89 -6.47
C PRO A 424 18.28 -2.41 -6.31
N PRO A 425 17.98 -1.98 -5.09
CA PRO A 425 17.76 -0.55 -4.86
C PRO A 425 19.07 0.22 -4.90
N ALA A 426 18.94 1.53 -5.10
CA ALA A 426 20.11 2.40 -5.08
C ALA A 426 20.76 2.35 -3.70
N PRO A 427 22.10 2.43 -3.63
CA PRO A 427 22.76 2.34 -2.32
C PRO A 427 22.35 3.45 -1.36
N GLU A 428 22.01 4.63 -1.88
CA GLU A 428 21.61 5.74 -1.01
C GLU A 428 20.27 5.44 -0.34
N THR A 429 19.36 4.77 -1.04
CA THR A 429 18.08 4.41 -0.44
C THR A 429 18.28 3.43 0.71
N LEU A 430 19.21 2.48 0.56
CA LEU A 430 19.49 1.56 1.65
C LEU A 430 20.21 2.26 2.81
N MET A 431 21.04 3.26 2.51
CA MET A 431 21.67 4.04 3.57
C MET A 431 20.63 4.72 4.45
N ARG A 432 19.65 5.37 3.82
CA ARG A 432 18.61 6.06 4.57
C ARG A 432 17.81 5.10 5.43
N ALA A 433 17.61 3.86 4.96
CA ALA A 433 16.91 2.87 5.76
C ALA A 433 17.74 2.48 6.98
N LEU A 434 19.02 2.20 6.78
CA LEU A 434 19.91 1.87 7.89
C LEU A 434 20.08 3.07 8.82
N GLU A 435 20.12 4.27 8.25
CA GLU A 435 20.23 5.48 9.06
C GLU A 435 18.99 5.67 9.93
N LEU A 436 17.80 5.48 9.35
CA LEU A 436 16.56 5.63 10.10
C LEU A 436 16.51 4.65 11.26
N LEU A 437 16.78 3.37 10.99
CA LEU A 437 16.67 2.35 12.04
C LEU A 437 17.69 2.55 13.15
N ASN A 438 18.87 3.07 12.82
CA ASN A 438 19.87 3.34 13.85
C ASN A 438 19.43 4.51 14.73
N TYR A 439 18.86 5.55 14.13
CA TYR A 439 18.36 6.69 14.91
C TYR A 439 17.27 6.26 15.87
N LEU A 440 16.40 5.34 15.45
CA LEU A 440 15.35 4.80 16.30
C LEU A 440 15.87 3.76 17.29
N ALA A 441 17.18 3.50 17.29
CA ALA A 441 17.83 2.49 18.13
C ALA A 441 17.38 1.07 17.78
N ALA A 442 16.84 0.86 16.58
CA ALA A 442 16.51 -0.49 16.13
C ALA A 442 17.74 -1.26 15.72
N LEU A 443 18.75 -0.58 15.19
CA LEU A 443 20.04 -1.17 14.87
C LEU A 443 21.14 -0.43 15.63
N ASN A 444 22.12 -1.17 16.13
CA ASN A 444 23.24 -0.53 16.80
C ASN A 444 24.24 -0.04 15.75
N ASP A 445 25.37 0.49 16.21
CA ASP A 445 26.37 1.05 15.31
C ASP A 445 27.10 0.00 14.50
N ASP A 446 26.87 -1.28 14.76
CA ASP A 446 27.43 -2.36 13.97
C ASP A 446 26.41 -2.94 13.00
N GLY A 447 25.24 -2.34 12.89
CA GLY A 447 24.19 -2.85 12.02
C GLY A 447 23.40 -4.01 12.59
N ASP A 448 23.65 -4.40 13.84
CA ASP A 448 22.97 -5.53 14.44
C ASP A 448 21.61 -5.13 14.97
N LEU A 449 20.64 -6.04 14.84
CA LEU A 449 19.31 -5.82 15.40
C LEU A 449 19.39 -5.82 16.92
N THR A 450 18.82 -4.78 17.53
CA THR A 450 18.76 -4.69 18.98
C THR A 450 17.46 -5.31 19.49
N GLU A 451 17.39 -5.50 20.81
CA GLU A 451 16.17 -6.02 21.41
C GLU A 451 14.98 -5.09 21.14
N LEU A 452 15.21 -3.78 21.23
CA LEU A 452 14.15 -2.83 20.87
C LEU A 452 13.76 -2.97 19.40
N GLY A 453 14.75 -3.17 18.52
CA GLY A 453 14.44 -3.35 17.12
C GLY A 453 13.70 -4.64 16.84
N SER A 454 14.11 -5.73 17.50
CA SER A 454 13.39 -7.00 17.36
C SER A 454 11.95 -6.85 17.82
N MET A 455 11.73 -6.08 18.88
CA MET A 455 10.38 -5.84 19.37
C MET A 455 9.59 -4.97 18.39
N MET A 456 10.23 -3.94 17.85
CA MET A 456 9.57 -3.06 16.89
C MET A 456 9.11 -3.83 15.65
N ALA A 457 9.90 -4.80 15.21
CA ALA A 457 9.58 -5.54 14.00
C ALA A 457 8.28 -6.34 14.13
N GLU A 458 7.86 -6.64 15.36
CA GLU A 458 6.63 -7.39 15.57
C GLU A 458 5.37 -6.54 15.47
N PHE A 459 5.51 -5.21 15.48
CA PHE A 459 4.35 -4.34 15.30
C PHE A 459 4.11 -4.09 13.81
N PRO A 460 2.91 -4.34 13.30
CA PRO A 460 2.61 -4.06 11.89
C PRO A 460 2.43 -2.57 11.63
N LEU A 461 3.49 -1.80 11.89
CA LEU A 461 3.48 -0.35 11.75
C LEU A 461 4.81 0.09 11.15
N ASP A 462 4.85 1.35 10.71
CA ASP A 462 6.10 1.98 10.35
C ASP A 462 7.04 1.92 11.54
N PRO A 463 8.35 1.79 11.33
CA PRO A 463 9.29 1.85 12.47
C PRO A 463 9.13 3.09 13.33
N GLN A 464 8.72 4.23 12.75
CA GLN A 464 8.48 5.42 13.57
C GLN A 464 7.32 5.21 14.53
N LEU A 465 6.23 4.60 14.05
CA LEU A 465 5.08 4.36 14.93
C LEU A 465 5.38 3.28 15.96
N ALA A 466 6.08 2.23 15.56
CA ALA A 466 6.40 1.15 16.50
C ALA A 466 7.28 1.64 17.63
N LYS A 467 8.30 2.44 17.30
CA LYS A 467 9.16 3.02 18.33
C LYS A 467 8.36 3.97 19.22
N MET A 468 7.49 4.78 18.62
CA MET A 468 6.66 5.71 19.38
C MET A 468 5.80 4.97 20.41
N VAL A 469 5.20 3.85 20.01
CA VAL A 469 4.34 3.09 20.91
C VAL A 469 5.14 2.52 22.07
N ILE A 470 6.28 1.88 21.77
CA ILE A 470 7.08 1.25 22.81
C ILE A 470 7.65 2.28 23.76
N ALA A 471 8.19 3.38 23.21
CA ALA A 471 8.83 4.40 24.05
C ALA A 471 7.83 5.11 24.94
N SER A 472 6.56 5.20 24.52
CA SER A 472 5.57 5.92 25.31
C SER A 472 5.31 5.29 26.66
N CYS A 473 5.67 4.01 26.85
CA CYS A 473 5.49 3.37 28.14
C CYS A 473 6.28 4.11 29.23
N ASP A 474 7.47 4.59 28.89
CA ASP A 474 8.29 5.32 29.87
C ASP A 474 7.70 6.69 30.19
N TYR A 475 6.90 7.26 29.29
CA TYR A 475 6.24 8.54 29.53
C TYR A 475 4.87 8.37 30.15
N ASN A 476 4.48 7.14 30.51
CA ASN A 476 3.23 6.85 31.21
C ASN A 476 2.02 7.33 30.41
N CYS A 477 2.08 7.18 29.09
CA CYS A 477 0.95 7.53 28.25
C CYS A 477 0.82 6.59 27.05
N SER A 478 1.17 5.31 27.25
CA SER A 478 1.07 4.35 26.15
C SER A 478 -0.38 4.12 25.74
N ASN A 479 -1.33 4.30 26.66
CA ASN A 479 -2.74 4.20 26.30
C ASN A 479 -3.12 5.23 25.26
N GLU A 480 -2.62 6.46 25.38
CA GLU A 480 -3.03 7.54 24.49
C GLU A 480 -2.28 7.49 23.16
N VAL A 481 -0.99 7.11 23.20
CA VAL A 481 -0.26 6.92 21.96
C VAL A 481 -0.83 5.76 21.17
N LEU A 482 -1.25 4.70 21.87
CA LEU A 482 -1.87 3.56 21.21
C LEU A 482 -3.14 3.98 20.47
N SER A 483 -3.95 4.85 21.09
CA SER A 483 -5.15 5.36 20.43
C SER A 483 -4.80 6.21 19.22
N ILE A 484 -3.82 7.11 19.38
CA ILE A 484 -3.39 7.95 18.27
C ILE A 484 -2.81 7.10 17.15
N THR A 485 -1.99 6.10 17.50
CA THR A 485 -1.44 5.21 16.49
C THR A 485 -2.54 4.52 15.70
N ALA A 486 -3.59 4.07 16.38
CA ALA A 486 -4.72 3.44 15.68
C ALA A 486 -5.39 4.41 14.73
N MET A 487 -5.58 5.66 15.15
CA MET A 487 -6.23 6.66 14.29
C MET A 487 -5.37 7.00 13.09
N LEU A 488 -4.03 7.00 13.25
CA LEU A 488 -3.14 7.24 12.12
C LEU A 488 -3.03 6.06 11.18
N SER A 489 -3.57 4.90 11.56
CA SER A 489 -3.46 3.68 10.77
C SER A 489 -4.72 3.36 9.97
N VAL A 490 -5.71 4.24 9.99
CA VAL A 490 -6.98 4.01 9.30
C VAL A 490 -7.23 5.17 8.34
N PRO A 491 -8.21 5.06 7.42
CA PRO A 491 -8.49 6.19 6.53
C PRO A 491 -8.99 7.41 7.30
N GLN A 492 -9.16 8.50 6.54
CA GLN A 492 -9.57 9.78 7.12
C GLN A 492 -10.85 9.64 7.93
N CYS A 493 -10.81 10.12 9.17
CA CYS A 493 -11.95 10.04 10.06
C CYS A 493 -12.91 11.22 9.93
N PHE A 494 -12.47 12.32 9.33
CA PHE A 494 -13.30 13.52 9.18
C PHE A 494 -13.96 13.50 7.81
N VAL A 495 -15.29 13.49 7.79
CA VAL A 495 -16.05 13.54 6.55
C VAL A 495 -16.22 15.00 6.14
N ARG A 496 -15.77 15.33 4.93
CA ARG A 496 -15.78 16.71 4.42
C ARG A 496 -16.40 16.72 3.03
N PRO A 497 -17.73 16.78 2.94
CA PRO A 497 -18.37 16.86 1.63
C PRO A 497 -17.98 18.14 0.91
N THR A 498 -17.87 18.04 -0.42
CA THR A 498 -17.47 19.19 -1.22
C THR A 498 -18.45 20.33 -1.09
N GLU A 499 -19.74 20.03 -1.06
CA GLU A 499 -20.79 21.05 -0.99
C GLU A 499 -21.07 21.51 0.44
N ALA A 500 -20.29 21.09 1.43
CA ALA A 500 -20.53 21.48 2.81
C ALA A 500 -19.21 21.56 3.58
N LYS A 501 -18.26 22.33 3.04
CA LYS A 501 -16.95 22.44 3.69
C LYS A 501 -17.05 23.17 5.03
N LYS A 502 -17.83 24.25 5.09
CA LYS A 502 -17.92 25.04 6.31
C LYS A 502 -18.56 24.23 7.44
N ALA A 503 -19.60 23.46 7.13
CA ALA A 503 -20.25 22.65 8.15
C ALA A 503 -19.34 21.54 8.64
N ALA A 504 -18.60 20.90 7.73
CA ALA A 504 -17.70 19.83 8.12
C ALA A 504 -16.54 20.37 8.95
N ASP A 505 -15.96 21.50 8.55
CA ASP A 505 -14.85 22.08 9.30
C ASP A 505 -15.31 22.53 10.68
N GLU A 506 -16.53 23.06 10.78
CA GLU A 506 -17.05 23.48 12.07
C GLU A 506 -17.19 22.30 13.03
N ALA A 507 -17.62 21.15 12.52
CA ALA A 507 -17.75 19.97 13.36
C ALA A 507 -16.38 19.43 13.77
N LYS A 508 -15.41 19.46 12.85
CA LYS A 508 -14.06 19.03 13.19
C LYS A 508 -13.47 19.88 14.31
N MET A 509 -13.73 21.19 14.30
CA MET A 509 -13.15 22.08 15.30
C MET A 509 -13.70 21.85 16.70
N ARG A 510 -14.80 21.09 16.85
CA ARG A 510 -15.28 20.74 18.18
C ARG A 510 -14.35 19.78 18.89
N PHE A 511 -13.58 19.00 18.14
CA PHE A 511 -12.60 18.09 18.71
C PHE A 511 -11.21 18.70 18.73
N ALA A 512 -11.05 19.93 18.23
CA ALA A 512 -9.74 20.52 18.05
C ALA A 512 -9.05 20.73 19.41
N HIS A 513 -7.81 20.26 19.49
CA HIS A 513 -6.93 20.58 20.60
C HIS A 513 -6.02 21.72 20.18
N ILE A 514 -5.78 22.65 21.09
CA ILE A 514 -5.00 23.85 20.77
C ILE A 514 -3.59 23.48 20.33
N ASP A 515 -3.09 22.32 20.76
CA ASP A 515 -1.72 21.90 20.44
C ASP A 515 -1.62 21.10 19.15
N GLY A 516 -2.72 20.88 18.42
CA GLY A 516 -2.56 20.38 17.08
C GLY A 516 -3.44 19.20 16.78
N ASP A 517 -3.07 18.48 15.71
CA ASP A 517 -3.88 17.46 15.07
C ASP A 517 -3.77 16.09 15.74
N HIS A 518 -2.57 15.71 16.21
CA HIS A 518 -2.43 14.41 16.86
C HIS A 518 -3.36 14.29 18.06
N LEU A 519 -3.41 15.32 18.90
CA LEU A 519 -4.30 15.29 20.06
C LEU A 519 -5.76 15.41 19.65
N THR A 520 -6.03 16.07 18.52
CA THR A 520 -7.39 16.12 18.00
C THR A 520 -7.90 14.73 17.65
N LEU A 521 -7.03 13.90 17.05
CA LEU A 521 -7.39 12.51 16.78
C LEU A 521 -7.68 11.76 18.08
N LEU A 522 -6.95 12.07 19.14
CA LEU A 522 -7.23 11.46 20.43
C LEU A 522 -8.62 11.87 20.93
N ASN A 523 -8.97 13.15 20.79
CA ASN A 523 -10.28 13.60 21.21
C ASN A 523 -11.40 12.90 20.45
N VAL A 524 -11.20 12.68 19.14
CA VAL A 524 -12.22 12.02 18.34
C VAL A 524 -12.43 10.59 18.82
N TYR A 525 -11.33 9.87 19.09
CA TYR A 525 -11.46 8.49 19.55
C TYR A 525 -12.13 8.42 20.91
N HIS A 526 -11.70 9.27 21.84
CA HIS A 526 -12.28 9.25 23.19
C HIS A 526 -13.78 9.55 23.14
N ALA A 527 -14.17 10.60 22.41
CA ALA A 527 -15.58 10.95 22.32
C ALA A 527 -16.38 9.87 21.59
N PHE A 528 -15.76 9.20 20.62
CA PHE A 528 -16.44 8.09 19.93
C PHE A 528 -16.75 6.96 20.89
N LYS A 529 -15.77 6.61 21.74
CA LYS A 529 -15.98 5.53 22.70
C LYS A 529 -17.01 5.92 23.76
N GLN A 530 -16.89 7.14 24.31
CA GLN A 530 -17.79 7.54 25.39
C GLN A 530 -19.21 7.79 24.92
N ASN A 531 -19.43 7.93 23.61
CA ASN A 531 -20.78 7.97 23.06
C ASN A 531 -21.20 6.62 22.49
N HIS A 532 -20.47 5.55 22.85
CA HIS A 532 -20.90 4.17 22.64
C HIS A 532 -21.01 3.80 21.17
N GLU A 533 -19.99 4.19 20.40
CA GLU A 533 -19.85 3.79 18.99
C GLU A 533 -21.12 4.08 18.19
N SER A 534 -21.75 5.22 18.47
CA SER A 534 -23.04 5.54 17.86
C SER A 534 -22.86 6.01 16.42
N VAL A 535 -23.63 5.42 15.51
CA VAL A 535 -23.62 5.85 14.12
C VAL A 535 -24.22 7.25 14.00
N GLN A 536 -25.30 7.51 14.73
CA GLN A 536 -25.91 8.84 14.70
C GLN A 536 -24.97 9.89 15.26
N TRP A 537 -24.16 9.54 16.26
CA TRP A 537 -23.17 10.47 16.77
C TRP A 537 -22.13 10.82 15.71
N CYS A 538 -21.77 9.83 14.89
CA CYS A 538 -20.81 10.10 13.81
C CYS A 538 -21.41 11.02 12.76
N TYR A 539 -22.69 10.81 12.41
CA TYR A 539 -23.35 11.72 11.48
C TYR A 539 -23.43 13.13 12.04
N ASP A 540 -23.72 13.26 13.34
CA ASP A 540 -23.84 14.57 13.95
C ASP A 540 -22.54 15.35 13.90
N ASN A 541 -21.40 14.66 14.01
CA ASN A 541 -20.10 15.32 14.13
C ASN A 541 -19.24 15.14 12.88
N PHE A 542 -19.85 14.75 11.75
CA PHE A 542 -19.13 14.56 10.49
C PHE A 542 -17.91 13.67 10.68
N ILE A 543 -18.08 12.61 11.45
CA ILE A 543 -17.02 11.65 11.74
C ILE A 543 -17.31 10.37 10.94
N ASN A 544 -16.28 9.81 10.34
CA ASN A 544 -16.41 8.59 9.55
C ASN A 544 -16.56 7.40 10.49
N TYR A 545 -17.77 6.82 10.54
CA TYR A 545 -18.04 5.71 11.43
C TYR A 545 -17.16 4.50 11.12
N ARG A 546 -16.94 4.22 9.84
CA ARG A 546 -16.15 3.06 9.47
C ARG A 546 -14.69 3.23 9.87
N SER A 547 -14.15 4.45 9.74
CA SER A 547 -12.79 4.70 10.17
C SER A 547 -12.62 4.48 11.66
N LEU A 548 -13.63 4.88 12.45
CA LEU A 548 -13.52 4.78 13.90
C LEU A 548 -13.68 3.34 14.38
N MET A 549 -14.59 2.59 13.76
CA MET A 549 -14.69 1.16 14.06
C MET A 549 -13.41 0.43 13.69
N SER A 550 -12.80 0.82 12.56
CA SER A 550 -11.53 0.25 12.16
C SER A 550 -10.44 0.61 13.17
N ALA A 551 -10.39 1.89 13.57
CA ALA A 551 -9.41 2.32 14.55
C ALA A 551 -9.57 1.57 15.87
N ASP A 552 -10.82 1.30 16.26
CA ASP A 552 -11.06 0.53 17.47
C ASP A 552 -10.52 -0.89 17.34
N ASN A 553 -10.74 -1.51 16.17
CA ASN A 553 -10.21 -2.85 15.93
C ASN A 553 -8.69 -2.87 15.92
N VAL A 554 -8.08 -1.90 15.23
CA VAL A 554 -6.62 -1.80 15.18
C VAL A 554 -6.06 -1.66 16.59
N ARG A 555 -6.71 -0.84 17.43
CA ARG A 555 -6.18 -0.59 18.76
C ARG A 555 -6.21 -1.85 19.63
N GLN A 556 -7.27 -2.65 19.50
CA GLN A 556 -7.33 -3.91 20.24
C GLN A 556 -6.16 -4.82 19.87
N GLN A 557 -5.87 -4.93 18.58
CA GLN A 557 -4.80 -5.83 18.14
C GLN A 557 -3.45 -5.34 18.58
N LEU A 558 -3.19 -4.03 18.45
CA LEU A 558 -1.93 -3.47 18.94
C LEU A 558 -1.79 -3.69 20.44
N SER A 559 -2.90 -3.58 21.19
CA SER A 559 -2.83 -3.82 22.62
C SER A 559 -2.54 -5.28 22.94
N ARG A 560 -2.93 -6.20 22.06
CA ARG A 560 -2.58 -7.60 22.25
C ARG A 560 -1.10 -7.83 22.03
N ILE A 561 -0.45 -7.03 21.18
CA ILE A 561 0.99 -7.12 21.02
C ILE A 561 1.70 -6.55 22.25
N MET A 562 1.14 -5.49 22.83
CA MET A 562 1.68 -4.95 24.09
C MET A 562 1.71 -6.01 25.18
N ASP A 563 0.61 -6.74 25.35
CA ASP A 563 0.55 -7.76 26.40
C ASP A 563 1.57 -8.87 26.16
N ARG A 564 1.80 -9.22 24.89
CA ARG A 564 2.72 -10.32 24.60
C ARG A 564 4.14 -9.97 25.04
N PHE A 565 4.56 -8.73 24.84
CA PHE A 565 5.87 -8.26 25.25
C PHE A 565 5.87 -7.66 26.65
N ASN A 566 4.75 -7.74 27.36
CA ASN A 566 4.61 -7.16 28.70
C ASN A 566 4.93 -5.67 28.70
N LEU A 567 4.51 -4.98 27.64
CA LEU A 567 4.60 -3.53 27.59
C LEU A 567 3.39 -2.92 28.28
N PRO A 568 3.57 -2.17 29.36
CA PRO A 568 2.41 -1.69 30.13
C PRO A 568 1.62 -0.65 29.37
N ARG A 569 0.31 -0.70 29.52
CA ARG A 569 -0.62 0.26 28.92
C ARG A 569 -1.06 1.21 30.02
N ARG A 570 -0.58 2.45 29.97
CA ARG A 570 -0.70 3.37 31.09
C ARG A 570 -1.18 4.74 30.63
N SER A 571 -1.87 5.43 31.52
CA SER A 571 -2.34 6.79 31.29
C SER A 571 -1.90 7.68 32.44
N THR A 572 -1.63 8.94 32.11
CA THR A 572 -1.36 9.97 33.10
C THR A 572 -2.67 10.54 33.62
N ASP A 573 -2.66 11.00 34.87
CA ASP A 573 -3.77 11.77 35.42
C ASP A 573 -4.22 12.85 34.44
N PHE A 574 -5.51 12.83 34.10
CA PHE A 574 -6.02 13.83 33.17
C PHE A 574 -6.14 15.21 33.79
N THR A 575 -6.26 15.29 35.12
CA THR A 575 -6.34 16.57 35.80
C THR A 575 -5.01 17.31 35.86
N SER A 576 -3.92 16.68 35.41
CA SER A 576 -2.59 17.25 35.48
C SER A 576 -2.21 17.91 34.16
N ARG A 577 -1.35 18.93 34.25
CA ARG A 577 -0.83 19.56 33.03
C ARG A 577 0.06 18.61 32.24
N ASP A 578 0.67 17.62 32.91
CA ASP A 578 1.56 16.68 32.25
C ASP A 578 0.82 15.70 31.34
N TYR A 579 -0.52 15.70 31.36
CA TYR A 579 -1.26 14.75 30.54
C TYR A 579 -0.98 14.97 29.05
N TYR A 580 -1.17 16.20 28.58
CA TYR A 580 -0.94 16.48 27.17
C TYR A 580 0.53 16.71 26.85
N ILE A 581 1.31 17.18 27.83
CA ILE A 581 2.74 17.37 27.61
C ILE A 581 3.44 16.03 27.41
N ASN A 582 3.06 15.02 28.20
CA ASN A 582 3.69 13.71 28.08
C ASN A 582 3.36 13.05 26.73
N ILE A 583 2.15 13.25 26.24
CA ILE A 583 1.77 12.66 24.95
C ILE A 583 2.55 13.31 23.83
N ARG A 584 2.74 14.63 23.89
CA ARG A 584 3.49 15.34 22.86
C ARG A 584 4.97 14.98 22.91
N LYS A 585 5.52 14.81 24.12
CA LYS A 585 6.89 14.31 24.23
C LYS A 585 7.00 12.93 23.60
N ALA A 586 5.99 12.07 23.80
CA ALA A 586 6.03 10.72 23.26
C ALA A 586 6.03 10.72 21.74
N LEU A 587 5.38 11.69 21.12
CA LEU A 587 5.39 11.78 19.66
C LEU A 587 6.80 12.01 19.14
N VAL A 588 7.61 12.76 19.89
CA VAL A 588 8.97 13.08 19.44
C VAL A 588 9.84 11.83 19.41
N THR A 589 9.52 10.82 20.25
CA THR A 589 10.34 9.63 20.28
C THR A 589 10.32 8.89 18.95
N GLY A 590 9.27 9.09 18.15
CA GLY A 590 9.17 8.40 16.88
C GLY A 590 9.28 9.29 15.66
N TYR A 591 8.92 10.57 15.79
CA TYR A 591 8.81 11.47 14.64
C TYR A 591 9.71 12.69 14.78
N PHE A 592 10.85 12.51 15.44
CA PHE A 592 11.83 13.59 15.59
C PHE A 592 12.45 14.00 14.27
N MET A 593 12.37 13.16 13.23
CA MET A 593 12.90 13.51 11.92
C MET A 593 11.93 14.27 11.05
N GLN A 594 10.66 14.37 11.45
CA GLN A 594 9.64 15.07 10.69
C GLN A 594 9.19 16.29 11.47
N VAL A 595 10.07 17.30 11.50
CA VAL A 595 9.85 18.53 12.24
C VAL A 595 10.11 19.71 11.31
N ALA A 596 9.27 20.74 11.42
CA ALA A 596 9.44 21.97 10.67
C ALA A 596 9.56 23.14 11.65
N HIS A 597 10.36 24.13 11.26
CA HIS A 597 10.65 25.29 12.07
C HIS A 597 10.07 26.54 11.43
N LEU A 598 9.32 27.32 12.21
CA LEU A 598 8.70 28.54 11.69
C LEU A 598 9.77 29.57 11.36
N GLU A 599 9.67 30.17 10.19
CA GLU A 599 10.58 31.21 9.73
C GLU A 599 9.94 32.58 9.96
N ARG A 600 10.81 33.60 10.06
CA ARG A 600 10.38 34.93 10.49
C ARG A 600 9.19 35.46 9.72
N THR A 601 9.07 35.11 8.44
CA THR A 601 8.03 35.66 7.57
C THR A 601 6.85 34.70 7.38
N GLY A 602 6.67 33.74 8.28
CA GLY A 602 5.49 32.89 8.25
C GLY A 602 5.64 31.59 7.49
N HIS A 603 6.80 31.32 6.90
CA HIS A 603 7.02 30.06 6.23
C HIS A 603 7.60 29.04 7.20
N TYR A 604 7.50 27.76 6.83
CA TYR A 604 8.10 26.68 7.59
C TYR A 604 9.23 26.06 6.79
N LEU A 605 10.29 25.67 7.48
CA LEU A 605 11.43 25.00 6.89
C LEU A 605 11.67 23.71 7.66
N THR A 606 11.69 22.58 6.94
CA THR A 606 11.98 21.32 7.59
C THR A 606 13.42 21.31 8.08
N VAL A 607 13.63 20.79 9.29
CA VAL A 607 14.98 20.73 9.83
C VAL A 607 15.85 19.82 8.96
N LYS A 608 17.15 20.11 8.96
CA LYS A 608 18.14 19.38 8.18
C LYS A 608 17.92 19.48 6.67
N ASP A 609 16.80 18.93 6.18
CA ASP A 609 16.58 18.84 4.75
C ASP A 609 16.18 20.17 4.11
N ASN A 610 15.74 21.13 4.90
CA ASN A 610 15.51 22.51 4.45
C ASN A 610 14.51 22.59 3.29
N GLN A 611 13.43 21.83 3.39
CA GLN A 611 12.33 21.94 2.44
C GLN A 611 11.36 23.02 2.91
N VAL A 612 10.95 23.89 1.99
CA VAL A 612 9.99 24.94 2.31
C VAL A 612 8.60 24.34 2.28
N VAL A 613 7.91 24.37 3.43
CA VAL A 613 6.58 23.79 3.56
C VAL A 613 5.67 24.78 4.27
N GLN A 614 4.37 24.49 4.22
CA GLN A 614 3.37 25.21 4.99
C GLN A 614 2.38 24.22 5.55
N LEU A 615 1.65 24.64 6.58
CA LEU A 615 0.69 23.77 7.23
C LEU A 615 -0.44 23.40 6.28
N HIS A 616 -0.79 22.12 6.25
CA HIS A 616 -1.90 21.69 5.40
C HIS A 616 -3.17 22.42 5.84
N PRO A 617 -4.02 22.84 4.89
CA PRO A 617 -5.21 23.60 5.27
C PRO A 617 -6.17 22.84 6.18
N SER A 618 -6.06 21.52 6.26
CA SER A 618 -6.96 20.72 7.10
C SER A 618 -6.59 20.77 8.57
N THR A 619 -5.49 21.41 8.95
CA THR A 619 -5.05 21.40 10.33
C THR A 619 -6.02 22.19 11.21
N VAL A 620 -6.10 21.80 12.49
CA VAL A 620 -6.91 22.53 13.46
C VAL A 620 -6.13 23.64 14.13
N LEU A 621 -4.83 23.75 13.88
CA LEU A 621 -4.02 24.81 14.47
C LEU A 621 -4.54 26.17 14.03
N ASP A 622 -4.91 27.01 14.99
CA ASP A 622 -5.35 28.38 14.71
C ASP A 622 -4.22 29.39 14.79
N HIS A 623 -3.00 28.93 15.04
CA HIS A 623 -1.81 29.77 15.06
C HIS A 623 -0.66 28.93 14.52
N LYS A 624 0.46 29.61 14.21
CA LYS A 624 1.62 28.91 13.68
C LYS A 624 2.64 28.71 14.80
N PRO A 625 2.77 27.50 15.35
CA PRO A 625 3.81 27.26 16.35
C PRO A 625 5.20 27.41 15.74
N GLU A 626 6.15 27.81 16.58
CA GLU A 626 7.53 27.98 16.10
C GLU A 626 8.12 26.66 15.64
N TRP A 627 7.73 25.55 16.27
CA TRP A 627 8.21 24.22 15.92
C TRP A 627 7.02 23.28 15.84
N VAL A 628 6.89 22.58 14.73
CA VAL A 628 5.78 21.64 14.52
C VAL A 628 6.33 20.28 14.13
N LEU A 629 5.73 19.23 14.67
CA LEU A 629 5.99 17.86 14.26
C LEU A 629 4.82 17.40 13.38
N TYR A 630 5.15 16.83 12.23
CA TYR A 630 4.12 16.44 11.25
C TYR A 630 4.22 14.95 10.95
N ASN A 631 3.08 14.38 10.58
CA ASN A 631 3.01 12.96 10.26
C ASN A 631 3.22 12.68 8.78
N GLU A 632 2.84 13.61 7.90
CA GLU A 632 2.76 13.30 6.48
C GLU A 632 3.24 14.50 5.66
N PHE A 633 4.06 14.21 4.64
CA PHE A 633 4.51 15.20 3.67
C PHE A 633 3.62 15.12 2.44
N VAL A 634 2.91 16.20 2.14
CA VAL A 634 1.98 16.26 1.02
C VAL A 634 2.60 17.13 -0.07
N LEU A 635 2.84 16.55 -1.23
CA LEU A 635 3.62 17.18 -2.30
C LEU A 635 2.70 17.43 -3.49
N THR A 636 2.15 18.64 -3.56
CA THR A 636 1.38 19.06 -4.72
C THR A 636 2.08 20.22 -5.41
N THR A 637 1.33 21.26 -5.80
CA THR A 637 1.97 22.47 -6.33
C THR A 637 2.90 23.08 -5.29
N LYS A 638 2.46 23.16 -4.05
CA LYS A 638 3.28 23.56 -2.92
C LYS A 638 3.53 22.35 -2.02
N ASN A 639 4.41 22.52 -1.06
CA ASN A 639 4.68 21.48 -0.07
C ASN A 639 3.81 21.74 1.16
N TYR A 640 3.02 20.74 1.54
CA TYR A 640 2.20 20.81 2.74
C TYR A 640 2.64 19.72 3.71
N ILE A 641 2.58 20.04 5.00
CA ILE A 641 2.76 19.06 6.07
C ILE A 641 1.43 18.90 6.76
N ARG A 642 0.97 17.66 6.89
CA ARG A 642 -0.36 17.36 7.38
C ARG A 642 -0.27 16.60 8.71
N THR A 643 -1.28 16.81 9.55
CA THR A 643 -1.32 16.27 10.90
C THR A 643 -0.13 16.81 11.69
N CYS A 644 -0.27 18.01 12.24
CA CYS A 644 0.83 18.74 12.84
C CYS A 644 0.55 18.98 14.32
N THR A 645 1.60 18.93 15.14
CA THR A 645 1.48 19.13 16.57
C THR A 645 2.52 20.13 17.04
N ASP A 646 2.09 21.08 17.88
CA ASP A 646 2.99 22.01 18.54
C ASP A 646 3.92 21.25 19.48
N ILE A 647 5.22 21.50 19.36
CA ILE A 647 6.22 20.89 20.24
C ILE A 647 7.23 21.96 20.68
N LYS A 648 7.93 21.64 21.76
CA LYS A 648 9.00 22.51 22.25
C LYS A 648 10.35 22.05 21.71
N PRO A 649 11.17 22.99 21.23
CA PRO A 649 12.48 22.59 20.67
C PRO A 649 13.40 21.96 21.69
N GLU A 650 13.23 22.27 22.97
CA GLU A 650 14.03 21.62 24.01
C GLU A 650 13.81 20.11 24.03
N TRP A 651 12.58 19.66 23.74
CA TRP A 651 12.30 18.24 23.68
C TRP A 651 13.09 17.56 22.58
N LEU A 652 13.35 18.27 21.47
CA LEU A 652 14.06 17.67 20.35
C LEU A 652 15.49 17.31 20.74
N VAL A 653 16.18 18.22 21.42
CA VAL A 653 17.58 17.97 21.76
C VAL A 653 17.70 16.97 22.91
N LYS A 654 16.68 16.87 23.76
CA LYS A 654 16.77 15.98 24.92
C LYS A 654 16.31 14.56 24.59
N ILE A 655 15.30 14.42 23.73
CA ILE A 655 14.72 13.11 23.44
C ILE A 655 15.48 12.40 22.32
N ALA A 656 15.88 13.12 21.28
CA ALA A 656 16.57 12.51 20.13
C ALA A 656 17.90 13.21 19.86
N PRO A 657 18.85 13.14 20.80
CA PRO A 657 20.13 13.82 20.59
C PRO A 657 20.98 13.24 19.47
N GLN A 658 20.79 11.97 19.10
CA GLN A 658 21.59 11.41 18.00
C GLN A 658 21.22 12.05 16.67
N TYR A 659 19.95 12.44 16.50
CA TYR A 659 19.56 13.17 15.30
C TYR A 659 19.88 14.66 15.42
N TYR A 660 19.60 15.26 16.57
CA TYR A 660 19.91 16.67 16.80
C TYR A 660 21.33 16.79 17.38
N ASP A 661 22.28 16.32 16.57
CA ASP A 661 23.70 16.39 16.85
C ASP A 661 24.23 17.71 16.31
N MET A 662 24.58 18.63 17.20
CA MET A 662 25.00 19.96 16.77
C MET A 662 26.39 19.96 16.13
N SER A 663 27.22 18.95 16.41
CA SER A 663 28.50 18.87 15.72
C SER A 663 28.32 18.49 14.26
N ASN A 664 27.20 17.89 13.89
CA ASN A 664 26.92 17.50 12.52
C ASN A 664 25.72 18.20 11.92
N PHE A 665 24.99 19.00 12.69
CA PHE A 665 23.77 19.62 12.19
C PHE A 665 24.11 20.67 11.14
N PRO A 666 23.36 20.73 10.03
CA PRO A 666 23.61 21.76 9.02
C PRO A 666 23.31 23.15 9.58
N GLN A 667 24.15 24.11 9.21
CA GLN A 667 24.08 25.47 9.76
C GLN A 667 23.09 26.30 8.95
N CYS A 668 21.81 26.14 9.27
CA CYS A 668 20.75 26.99 8.76
C CYS A 668 20.15 27.76 9.94
N GLU A 669 18.96 28.32 9.74
CA GLU A 669 18.30 29.06 10.81
C GLU A 669 17.76 28.16 11.91
N ALA A 670 17.46 26.90 11.60
CA ALA A 670 17.01 25.98 12.65
C ALA A 670 18.11 25.72 13.67
N LYS A 671 19.35 25.57 13.20
CA LYS A 671 20.46 25.32 14.11
C LYS A 671 20.75 26.52 15.01
N ARG A 672 20.49 27.74 14.52
CA ARG A 672 20.72 28.93 15.33
C ARG A 672 19.86 28.92 16.58
N GLN A 673 18.58 28.55 16.45
CA GLN A 673 17.72 28.48 17.62
C GLN A 673 18.12 27.30 18.51
N LEU A 674 18.46 26.16 17.91
CA LEU A 674 18.88 25.00 18.70
C LEU A 674 20.18 25.26 19.43
N ASP A 675 21.08 26.05 18.84
CA ASP A 675 22.34 26.37 19.52
C ASP A 675 22.09 27.17 20.80
N ARG A 676 21.11 28.08 20.78
CA ARG A 676 20.80 28.85 21.98
C ARG A 676 20.29 27.96 23.10
N ILE A 677 19.39 27.03 22.77
CA ILE A 677 18.83 26.13 23.78
C ILE A 677 19.92 25.29 24.42
N ILE A 678 20.82 24.75 23.60
CA ILE A 678 21.85 23.87 24.13
C ILE A 678 22.88 24.65 24.93
N ALA A 679 23.18 25.88 24.51
CA ALA A 679 24.05 26.74 25.30
C ALA A 679 23.39 27.12 26.62
N LYS A 680 22.09 27.40 26.60
CA LYS A 680 21.37 27.71 27.83
C LYS A 680 21.30 26.51 28.76
N LEU A 681 21.22 25.30 28.20
CA LEU A 681 21.21 24.10 29.04
C LEU A 681 22.52 23.92 29.79
N GLN A 682 23.63 24.39 29.22
CA GLN A 682 24.95 24.19 29.80
C GLN A 682 25.42 25.38 30.63
N SER A 683 24.59 26.39 30.82
CA SER A 683 24.97 27.58 31.58
C SER A 683 25.28 27.25 33.03
N GLU B 15 31.69 9.39 3.41
CA GLU B 15 30.58 10.05 4.07
C GLU B 15 30.45 9.56 5.51
N ASP B 16 30.51 10.49 6.47
CA ASP B 16 30.42 10.15 7.88
C ASP B 16 28.98 9.93 8.34
N ASN B 17 28.02 9.87 7.41
CA ASN B 17 26.66 9.53 7.76
C ASN B 17 26.59 8.11 8.30
N ILE B 18 25.76 7.91 9.32
CA ILE B 18 25.68 6.60 9.96
C ILE B 18 25.14 5.55 8.98
N GLY B 19 24.26 5.96 8.06
CA GLY B 19 23.75 5.02 7.07
C GLY B 19 24.84 4.53 6.13
N ASN B 20 25.76 5.42 5.74
CA ASN B 20 26.90 5.02 4.92
C ASN B 20 27.78 4.04 5.67
N GLN B 21 28.07 4.32 6.94
CA GLN B 21 28.93 3.43 7.73
C GLN B 21 28.33 2.04 7.83
N LEU B 22 27.05 1.95 8.21
CA LEU B 22 26.40 0.65 8.34
C LEU B 22 26.39 -0.09 7.01
N LEU B 23 26.25 0.65 5.90
CA LEU B 23 26.30 0.02 4.58
C LEU B 23 27.70 -0.50 4.29
N ARG B 24 28.74 0.27 4.65
CA ARG B 24 30.10 -0.20 4.46
C ARG B 24 30.40 -1.41 5.33
N LYS B 25 29.78 -1.49 6.51
CA LYS B 25 29.99 -2.64 7.39
C LYS B 25 29.26 -3.89 6.91
N MET B 26 28.41 -3.77 5.89
CA MET B 26 27.80 -4.93 5.26
C MET B 26 28.64 -5.47 4.10
N GLY B 27 29.81 -4.88 3.84
CA GLY B 27 30.64 -5.27 2.73
C GLY B 27 30.50 -4.42 1.49
N TRP B 28 29.78 -3.30 1.57
CA TRP B 28 29.62 -2.42 0.41
C TRP B 28 30.97 -1.81 0.03
N THR B 29 31.32 -1.91 -1.25
CA THR B 29 32.64 -1.48 -1.73
C THR B 29 32.62 -0.32 -2.71
N GLY B 30 31.45 0.13 -3.16
CA GLY B 30 31.42 1.33 -3.98
C GLY B 30 30.28 1.47 -4.97
N GLY B 31 29.99 0.43 -5.74
CA GLY B 31 29.04 0.51 -6.84
C GLY B 31 27.62 0.17 -6.46
N GLY B 32 26.91 -0.42 -7.42
CA GLY B 32 25.53 -0.79 -7.18
C GLY B 32 25.39 -2.02 -6.31
N LEU B 33 24.20 -2.18 -5.74
CA LEU B 33 23.92 -3.31 -4.87
C LEU B 33 23.52 -4.52 -5.70
N GLY B 34 23.28 -5.63 -5.02
CA GLY B 34 22.86 -6.86 -5.65
C GLY B 34 23.90 -7.96 -5.51
N LYS B 35 23.54 -9.13 -6.02
CA LYS B 35 24.41 -10.29 -5.92
C LYS B 35 25.68 -10.10 -6.75
N SER B 36 25.57 -9.43 -7.90
CA SER B 36 26.70 -9.18 -8.78
C SER B 36 27.07 -7.70 -8.83
N GLY B 37 26.57 -6.88 -7.92
CA GLY B 37 26.82 -5.46 -7.96
C GLY B 37 26.24 -4.76 -9.17
N GLU B 38 25.11 -5.25 -9.67
CA GLU B 38 24.54 -4.78 -10.93
C GLU B 38 23.43 -3.75 -10.75
N GLY B 39 23.11 -3.37 -9.52
CA GLY B 39 22.03 -2.45 -9.28
C GLY B 39 22.35 -1.03 -9.73
N ILE B 40 21.31 -0.20 -9.75
CA ILE B 40 21.49 1.21 -10.08
C ILE B 40 22.38 1.86 -9.02
N ARG B 41 23.24 2.77 -9.45
CA ARG B 41 24.18 3.43 -8.56
C ARG B 41 23.71 4.79 -8.09
N GLU B 42 22.58 5.27 -8.61
CA GLU B 42 22.00 6.55 -8.22
C GLU B 42 20.48 6.42 -8.24
N PRO B 43 19.77 7.06 -7.31
CA PRO B 43 18.31 6.97 -7.31
C PRO B 43 17.70 7.58 -8.57
N ILE B 44 16.54 7.06 -8.95
CA ILE B 44 15.85 7.50 -10.15
C ILE B 44 15.06 8.76 -9.85
N SER B 45 14.61 9.45 -10.90
CA SER B 45 13.83 10.67 -10.77
C SER B 45 12.45 10.48 -11.39
N VAL B 46 11.43 10.99 -10.72
CA VAL B 46 10.06 10.90 -11.19
C VAL B 46 9.65 12.25 -11.77
N LYS B 47 9.07 12.23 -12.97
CA LYS B 47 8.66 13.46 -13.63
C LYS B 47 7.52 14.11 -12.85
N GLU B 48 7.66 15.40 -12.58
CA GLU B 48 6.65 16.11 -11.80
C GLU B 48 5.40 16.35 -12.65
N GLN B 49 4.24 16.23 -12.01
CA GLN B 49 2.96 16.45 -12.67
C GLN B 49 2.38 17.78 -12.18
N HIS B 50 2.24 18.73 -13.10
CA HIS B 50 1.71 20.06 -12.78
C HIS B 50 0.19 19.99 -12.82
N LYS B 51 -0.43 19.94 -11.63
CA LYS B 51 -1.89 20.03 -11.48
C LYS B 51 -2.52 18.89 -12.29
N ARG B 52 -3.44 19.17 -13.21
CA ARG B 52 -4.07 18.14 -14.04
C ARG B 52 -3.69 18.28 -15.51
N GLU B 53 -2.48 18.74 -15.79
CA GLU B 53 -2.05 18.89 -17.18
C GLU B 53 -1.99 17.52 -17.84
N GLY B 54 -2.60 17.42 -19.02
CA GLY B 54 -2.62 16.16 -19.73
C GLY B 54 -1.22 15.67 -20.08
N LEU B 55 -1.13 14.35 -20.28
CA LEU B 55 0.15 13.74 -20.59
C LEU B 55 0.70 14.30 -21.90
N GLY B 56 1.92 14.82 -21.85
CA GLY B 56 2.57 15.37 -23.01
C GLY B 56 2.46 16.87 -23.17
N LEU B 57 1.74 17.55 -22.28
CA LEU B 57 1.58 18.99 -22.40
C LEU B 57 2.89 19.72 -22.09
N ASP B 58 3.74 19.15 -21.23
CA ASP B 58 5.00 19.80 -20.88
C ASP B 58 5.89 19.99 -22.09
N VAL B 59 5.88 19.01 -23.01
CA VAL B 59 6.87 18.98 -24.08
C VAL B 59 6.75 20.21 -24.96
N GLU B 60 5.53 20.69 -25.20
CA GLU B 60 5.31 21.88 -25.99
C GLU B 60 5.33 23.12 -25.11
#